data_9J98
#
_entry.id   9J98
#
_cell.length_a   1.00
_cell.length_b   1.00
_cell.length_c   1.00
_cell.angle_alpha   90.00
_cell.angle_beta   90.00
_cell.angle_gamma   90.00
#
_symmetry.space_group_name_H-M   'P 1'
#
loop_
_entity.id
_entity.type
_entity.pdbx_description
1 polymer 'Solute carrier family 53 member 1,Green fluorescent protein'
2 non-polymer '(2R)-3-{[(S)-(2-aminoethoxy)(hydroxy)phosphoryl]oxy}-2-(tetradecanoyloxy)propyl octadecanoate'
3 non-polymer CHOLESTEROL
#
_entity_poly.entity_id   1
_entity_poly.type   'polypeptide(L)'
_entity_poly.pdbx_seq_one_letter_code
;MKFAEHLSAHITPEWRKQYIQYEAFKDMLYSAQDQAPSVEVTDEDTVKRYFAKFEEKFFQTCEKELAKINTFYSEKLAEA
QRRFATLQNELQSSLDAQKESTGVTTLRQRRKPVFHLSHEERVQHRNIKDLKLAFSEFYLSLILLQNYQNLNFTGFRKIL
KKHDKILETSRGADWRVAHVEVAPFYTCKKINQLISETEAVVTNELEDGDRQKAMKRLRVPPLGAAQPAPAWTTFRVGLF
CGIFIVLNITLVLAAVFKLETDRSIWPLIRIYRGGFLLIEFLFLLGINTYGWRQAGVNHVLIFELNPRSNLSHQHLFEIA
GFLGILWCLSLLACFFAPISVIPTYVYPLALYGFMVFFLINPTKTFYYKSRFWLLKLLFRVFTAPFHKVGFADFWLADQL
NSLSVILMDLEYMICFYSLELKWDESKGLLPNNSEESGICHKYTYGVRAIVQCIPAWLRFIQCLRRYRDTKRAFPHLVNA
GKYSTTFFMVTFAALYSTHKERGHSDTMVFFYLWIVFYIISSCYTLIWDLKMDWGLFDKNAGENTFLREEIVYPQKAYYY
CAIIEDVILRFAWTIQISITSTTLLPHSGDIIATVFAPLEVFRRFVWNFFRLENEHLNNCGEFRAVRDISVAPLNADDQT
LLEQMMDQDDGVRNRQKNRSWKYNQSISLRRPRLASQSKARDTKVLIEDTDDEANTGGRLEVLFQGPAAAAVSKGEELFT
GVVPILVELDGDVNGHKFSVSGEGEGDATYGKLTLKFICTTGKLPVPWPTLVTTLTYGVQCFSRYPDHMKQHDFFKSAMP
EGYVQERTIFFKDDGNYTTRAEVKFEGDTLVNRIELKGIDFKEDGNILGHKLEYNYNSHNVYIMADKQKNGIKVNFKIRH
NIEDGSVQLADHYQQNTPIGDGPVLLPDNHYLSTQSKLSKDPNEKRDHMVLLEFVTAAGITLGMDELYKSGLRSDYKDHD
IDYKDDDDK
;
_entity_poly.pdbx_strand_id   A,B
#
loop_
_chem_comp.id
_chem_comp.type
_chem_comp.name
_chem_comp.formula
8PE non-polymer '(2R)-3-{[(S)-(2-aminoethoxy)(hydroxy)phosphoryl]oxy}-2-(tetradecanoyloxy)propyl octadecanoate' 'C37 H74 N O8 P'
CLR non-polymer CHOLESTEROL 'C27 H46 O'
#
# COMPACT_ATOMS: atom_id res chain seq x y z
N PRO A 228 -14.92 5.04 -15.87
CA PRO A 228 -13.88 4.59 -14.95
C PRO A 228 -12.88 5.70 -14.58
N ALA A 229 -12.42 5.70 -13.33
CA ALA A 229 -11.43 6.66 -12.91
C ALA A 229 -10.18 6.53 -13.77
N PRO A 230 -9.64 7.63 -14.28
CA PRO A 230 -8.76 7.53 -15.46
C PRO A 230 -7.51 6.68 -15.29
N ALA A 231 -6.57 7.13 -14.46
CA ALA A 231 -5.36 6.33 -14.23
C ALA A 231 -4.84 6.36 -12.81
N TRP A 232 -5.12 7.40 -12.03
CA TRP A 232 -4.44 7.60 -10.76
C TRP A 232 -5.35 7.43 -9.56
N THR A 233 -6.66 7.50 -9.75
CA THR A 233 -7.56 7.25 -8.62
C THR A 233 -7.49 5.79 -8.20
N THR A 234 -7.45 4.87 -9.15
CA THR A 234 -7.28 3.47 -8.79
C THR A 234 -5.94 3.22 -8.12
N PHE A 235 -4.89 3.86 -8.64
CA PHE A 235 -3.58 3.72 -8.02
C PHE A 235 -3.58 4.23 -6.59
N ARG A 236 -4.26 5.34 -6.33
CA ARG A 236 -4.31 5.87 -4.97
C ARG A 236 -5.16 4.99 -4.06
N VAL A 237 -6.26 4.45 -4.58
CA VAL A 237 -7.04 3.49 -3.83
C VAL A 237 -6.15 2.34 -3.37
N GLY A 238 -5.37 1.78 -4.30
CA GLY A 238 -4.47 0.71 -3.94
C GLY A 238 -3.39 1.12 -2.98
N LEU A 239 -2.82 2.31 -3.16
CA LEU A 239 -1.78 2.79 -2.27
C LEU A 239 -2.28 2.87 -0.83
N PHE A 240 -3.42 3.51 -0.64
CA PHE A 240 -3.95 3.66 0.71
C PHE A 240 -4.40 2.32 1.28
N CYS A 241 -5.01 1.47 0.46
CA CYS A 241 -5.40 0.15 0.93
C CYS A 241 -4.19 -0.68 1.34
N GLY A 242 -3.05 -0.47 0.68
CA GLY A 242 -1.86 -1.22 1.00
C GLY A 242 -1.18 -0.72 2.27
N ILE A 243 -1.19 0.60 2.47
CA ILE A 243 -0.63 1.14 3.69
C ILE A 243 -1.48 0.74 4.89
N PHE A 244 -2.80 0.71 4.70
CA PHE A 244 -3.71 0.47 5.82
C PHE A 244 -3.54 -0.92 6.41
N ILE A 245 -3.35 -1.93 5.57
CA ILE A 245 -3.26 -3.31 6.06
C ILE A 245 -2.07 -3.47 6.99
N VAL A 246 -0.89 -3.06 6.52
CA VAL A 246 0.31 -3.23 7.32
C VAL A 246 0.30 -2.32 8.54
N LEU A 247 -0.31 -1.14 8.44
CA LEU A 247 -0.44 -0.33 9.64
C LEU A 247 -1.35 -0.99 10.67
N ASN A 248 -2.39 -1.68 10.22
CA ASN A 248 -3.24 -2.41 11.16
C ASN A 248 -2.50 -3.56 11.81
N ILE A 249 -1.69 -4.28 11.02
CA ILE A 249 -0.93 -5.37 11.61
C ILE A 249 0.09 -4.85 12.63
N THR A 250 0.74 -3.73 12.31
CA THR A 250 1.65 -3.12 13.28
C THR A 250 0.91 -2.70 14.53
N LEU A 251 -0.30 -2.16 14.38
CA LEU A 251 -1.12 -1.81 15.52
C LEU A 251 -1.39 -3.02 16.40
N VAL A 252 -1.81 -4.12 15.79
CA VAL A 252 -2.11 -5.33 16.55
C VAL A 252 -0.88 -5.79 17.32
N LEU A 253 0.28 -5.83 16.65
CA LEU A 253 1.48 -6.32 17.31
C LEU A 253 1.90 -5.41 18.46
N ALA A 254 1.86 -4.09 18.23
CA ALA A 254 2.24 -3.16 19.29
C ALA A 254 1.27 -3.22 20.46
N ALA A 255 0.01 -3.53 20.18
CA ALA A 255 -0.96 -3.68 21.26
C ALA A 255 -0.70 -4.94 22.06
N VAL A 256 -0.30 -6.03 21.39
CA VAL A 256 -0.01 -7.26 22.10
C VAL A 256 1.25 -7.12 22.95
N PHE A 257 2.28 -6.45 22.43
CA PHE A 257 3.58 -6.49 23.05
C PHE A 257 3.88 -5.32 23.97
N LYS A 258 3.79 -4.09 23.47
CA LYS A 258 4.33 -2.93 24.17
C LYS A 258 3.27 -2.15 24.94
N LEU A 259 2.31 -2.84 25.55
CA LEU A 259 1.34 -2.20 26.43
C LEU A 259 1.60 -2.64 27.86
N GLU A 260 1.54 -1.68 28.80
CA GLU A 260 2.01 -1.93 30.15
C GLU A 260 1.11 -2.90 30.91
N THR A 261 -0.16 -3.01 30.52
CA THR A 261 -1.15 -3.85 31.20
C THR A 261 -1.21 -3.57 32.70
N ASP A 262 -0.95 -2.31 33.07
CA ASP A 262 -0.99 -1.89 34.46
C ASP A 262 -2.09 -0.88 34.73
N ARG A 263 -2.16 0.18 33.94
CA ARG A 263 -3.20 1.18 34.09
C ARG A 263 -4.41 0.82 33.21
N SER A 264 -5.47 1.60 33.36
CA SER A 264 -6.70 1.32 32.62
C SER A 264 -6.49 1.57 31.12
N ILE A 265 -7.36 0.95 30.31
CA ILE A 265 -7.23 0.98 28.86
C ILE A 265 -8.53 1.34 28.16
N TRP A 266 -9.62 1.51 28.89
CA TRP A 266 -10.93 1.66 28.26
C TRP A 266 -11.17 3.03 27.62
N PRO A 267 -10.72 4.13 28.20
CA PRO A 267 -10.93 5.44 27.53
C PRO A 267 -10.42 5.48 26.09
N LEU A 268 -9.27 4.88 25.81
CA LEU A 268 -8.74 4.89 24.45
C LEU A 268 -9.69 4.17 23.50
N ILE A 269 -10.19 3.01 23.90
CA ILE A 269 -11.13 2.26 23.06
C ILE A 269 -12.39 3.08 22.83
N ARG A 270 -12.96 3.65 23.91
CA ARG A 270 -14.19 4.41 23.77
C ARG A 270 -14.01 5.65 22.91
N ILE A 271 -12.79 6.19 22.85
CA ILE A 271 -12.58 7.38 22.04
C ILE A 271 -12.34 7.02 20.57
N TYR A 272 -11.65 5.92 20.31
CA TYR A 272 -11.31 5.58 18.93
C TYR A 272 -12.37 4.77 18.22
N ARG A 273 -13.34 4.24 18.98
CA ARG A 273 -14.44 3.41 18.43
C ARG A 273 -15.25 4.20 17.40
N GLY A 274 -15.39 5.52 17.60
CA GLY A 274 -16.16 6.35 16.69
C GLY A 274 -15.50 6.49 15.33
N GLY A 275 -14.23 6.91 15.33
CA GLY A 275 -13.50 6.98 14.08
C GLY A 275 -13.45 5.65 13.36
N PHE A 276 -13.27 4.56 14.10
CA PHE A 276 -13.20 3.27 13.43
C PHE A 276 -14.50 2.96 12.70
N LEU A 277 -15.63 3.05 13.37
CA LEU A 277 -16.89 2.68 12.74
C LEU A 277 -17.48 3.80 11.89
N LEU A 278 -16.76 4.91 11.73
CA LEU A 278 -17.06 5.85 10.65
C LEU A 278 -16.29 5.53 9.37
N ILE A 279 -15.00 5.25 9.49
CA ILE A 279 -14.24 4.79 8.33
C ILE A 279 -14.84 3.51 7.79
N GLU A 280 -15.24 2.60 8.67
CA GLU A 280 -15.88 1.37 8.26
C GLU A 280 -17.28 1.59 7.71
N PHE A 281 -17.85 2.78 7.89
CA PHE A 281 -19.11 3.10 7.24
C PHE A 281 -18.88 3.59 5.82
N LEU A 282 -17.89 4.46 5.63
CA LEU A 282 -17.56 4.93 4.29
C LEU A 282 -17.09 3.79 3.40
N PHE A 283 -16.26 2.88 3.94
CA PHE A 283 -15.76 1.79 3.12
C PHE A 283 -16.88 0.89 2.62
N LEU A 284 -17.97 0.76 3.37
CA LEU A 284 -19.09 -0.03 2.91
C LEU A 284 -20.01 0.76 1.99
N LEU A 285 -20.15 2.07 2.22
CA LEU A 285 -20.91 2.89 1.29
C LEU A 285 -20.31 2.87 -0.11
N GLY A 286 -18.99 2.73 -0.22
CA GLY A 286 -18.38 2.55 -1.52
C GLY A 286 -18.90 1.33 -2.26
N ILE A 287 -18.90 0.18 -1.57
CA ILE A 287 -19.42 -1.04 -2.17
C ILE A 287 -20.90 -0.90 -2.49
N ASN A 288 -21.63 -0.14 -1.67
CA ASN A 288 -23.04 0.10 -1.98
C ASN A 288 -23.20 0.85 -3.30
N THR A 289 -22.39 1.89 -3.50
CA THR A 289 -22.43 2.61 -4.77
C THR A 289 -22.12 1.68 -5.93
N TYR A 290 -21.08 0.85 -5.78
CA TYR A 290 -20.74 -0.09 -6.84
C TYR A 290 -21.88 -1.05 -7.14
N GLY A 291 -22.55 -1.55 -6.09
CA GLY A 291 -23.63 -2.49 -6.29
C GLY A 291 -24.83 -1.86 -6.96
N TRP A 292 -25.13 -0.60 -6.64
CA TRP A 292 -26.19 0.09 -7.35
C TRP A 292 -25.83 0.31 -8.80
N ARG A 293 -24.59 0.66 -9.09
CA ARG A 293 -24.19 0.95 -10.46
C ARG A 293 -24.23 -0.32 -11.31
N GLN A 294 -23.78 -1.44 -10.76
CA GLN A 294 -23.70 -2.67 -11.53
C GLN A 294 -25.02 -3.41 -11.63
N ALA A 295 -26.15 -2.77 -11.35
CA ALA A 295 -27.45 -3.41 -11.45
C ALA A 295 -28.50 -2.50 -12.08
N GLY A 296 -28.11 -1.40 -12.70
CA GLY A 296 -29.05 -0.53 -13.37
C GLY A 296 -30.10 0.07 -12.47
N VAL A 297 -29.71 0.48 -11.26
CA VAL A 297 -30.69 1.03 -10.32
C VAL A 297 -30.98 2.48 -10.64
N ASN A 298 -30.04 3.19 -11.26
CA ASN A 298 -30.18 4.62 -11.57
C ASN A 298 -30.33 5.44 -10.30
N HIS A 299 -29.39 5.26 -9.38
CA HIS A 299 -29.47 5.94 -8.09
C HIS A 299 -29.28 7.45 -8.22
N VAL A 300 -28.58 7.90 -9.26
CA VAL A 300 -28.35 9.34 -9.39
C VAL A 300 -29.66 10.09 -9.61
N LEU A 301 -30.60 9.48 -10.34
CA LEU A 301 -31.91 10.11 -10.51
C LEU A 301 -32.74 10.06 -9.24
N ILE A 302 -32.50 9.06 -8.39
CA ILE A 302 -33.26 8.96 -7.14
C ILE A 302 -32.82 10.03 -6.16
N PHE A 303 -31.51 10.16 -5.94
CA PHE A 303 -30.98 11.11 -4.98
C PHE A 303 -31.09 12.55 -5.44
N GLU A 304 -31.49 12.79 -6.69
CA GLU A 304 -31.48 14.13 -7.29
C GLU A 304 -30.06 14.72 -7.27
N LEU A 305 -29.18 14.04 -8.00
CA LEU A 305 -27.79 14.45 -8.13
C LEU A 305 -27.51 14.90 -9.56
N ASN A 306 -26.45 15.68 -9.71
CA ASN A 306 -26.05 16.17 -11.02
C ASN A 306 -25.65 15.01 -11.91
N PRO A 307 -26.27 14.82 -13.08
CA PRO A 307 -25.97 13.62 -13.88
C PRO A 307 -24.55 13.57 -14.41
N ARG A 308 -23.97 14.71 -14.79
CA ARG A 308 -22.66 14.70 -15.42
C ARG A 308 -21.54 14.51 -14.40
N SER A 309 -21.73 14.96 -13.16
CA SER A 309 -20.68 14.87 -12.14
C SER A 309 -21.23 14.16 -10.92
N ASN A 310 -20.57 13.08 -10.52
CA ASN A 310 -20.96 12.33 -9.33
C ASN A 310 -19.80 11.42 -8.94
N LEU A 311 -19.79 11.01 -7.69
CA LEU A 311 -18.70 10.22 -7.14
C LEU A 311 -18.92 8.74 -7.44
N SER A 312 -17.97 8.11 -8.12
CA SER A 312 -17.99 6.67 -8.28
C SER A 312 -17.42 6.02 -7.02
N HIS A 313 -17.40 4.69 -7.00
CA HIS A 313 -16.99 4.00 -5.78
C HIS A 313 -15.52 4.22 -5.46
N GLN A 314 -14.69 4.47 -6.48
CA GLN A 314 -13.26 4.58 -6.23
C GLN A 314 -12.94 5.81 -5.38
N HIS A 315 -13.65 6.91 -5.59
CA HIS A 315 -13.40 8.09 -4.77
C HIS A 315 -13.74 7.84 -3.31
N LEU A 316 -14.83 7.14 -3.05
CA LEU A 316 -15.19 6.80 -1.68
C LEU A 316 -14.16 5.87 -1.06
N PHE A 317 -13.71 4.87 -1.81
CA PHE A 317 -12.65 4.00 -1.32
C PHE A 317 -11.41 4.80 -0.96
N GLU A 318 -11.06 5.79 -1.79
CA GLU A 318 -9.85 6.57 -1.54
C GLU A 318 -9.99 7.44 -0.31
N ILE A 319 -11.14 8.10 -0.15
CA ILE A 319 -11.36 8.92 1.04
C ILE A 319 -11.32 8.06 2.30
N ALA A 320 -12.00 6.91 2.26
CA ALA A 320 -11.99 6.02 3.40
C ALA A 320 -10.58 5.54 3.72
N GLY A 321 -9.79 5.23 2.69
CA GLY A 321 -8.42 4.80 2.94
C GLY A 321 -7.56 5.87 3.55
N PHE A 322 -7.71 7.11 3.08
CA PHE A 322 -6.94 8.21 3.64
C PHE A 322 -7.30 8.43 5.11
N LEU A 323 -8.61 8.47 5.41
CA LEU A 323 -9.02 8.63 6.80
C LEU A 323 -8.55 7.46 7.65
N GLY A 324 -8.52 6.25 7.09
CA GLY A 324 -8.04 5.10 7.85
C GLY A 324 -6.57 5.18 8.14
N ILE A 325 -5.78 5.67 7.18
CA ILE A 325 -4.35 5.87 7.44
C ILE A 325 -4.16 6.89 8.55
N LEU A 326 -4.89 8.01 8.48
CA LEU A 326 -4.77 9.02 9.54
C LEU A 326 -5.15 8.46 10.90
N TRP A 327 -6.24 7.68 10.96
CA TRP A 327 -6.69 7.12 12.22
C TRP A 327 -5.68 6.12 12.77
N CYS A 328 -5.16 5.24 11.91
CA CYS A 328 -4.18 4.27 12.35
C CYS A 328 -2.92 4.94 12.85
N LEU A 329 -2.47 6.00 12.17
CA LEU A 329 -1.30 6.73 12.64
C LEU A 329 -1.56 7.37 13.99
N SER A 330 -2.72 8.01 14.16
CA SER A 330 -3.00 8.67 15.42
C SER A 330 -3.14 7.68 16.56
N LEU A 331 -3.61 6.46 16.29
CA LEU A 331 -3.68 5.46 17.34
C LEU A 331 -2.31 4.88 17.63
N LEU A 332 -1.50 4.64 16.61
CA LEU A 332 -0.16 4.13 16.82
C LEU A 332 0.71 5.13 17.57
N ALA A 333 0.41 6.42 17.44
CA ALA A 333 1.20 7.43 18.14
C ALA A 333 0.92 7.49 19.63
N CYS A 334 -0.13 6.83 20.12
CA CYS A 334 -0.39 6.81 21.55
C CYS A 334 0.19 5.59 22.25
N PHE A 335 0.35 4.47 21.54
CA PHE A 335 0.96 3.29 22.15
C PHE A 335 2.44 3.52 22.43
N PHE A 336 3.22 3.77 21.38
CA PHE A 336 4.64 4.04 21.58
C PHE A 336 4.86 5.39 22.22
N ALA A 337 4.04 6.38 21.88
CA ALA A 337 4.22 7.76 22.31
C ALA A 337 5.64 8.26 22.08
N PRO A 338 6.20 8.07 20.88
CA PRO A 338 7.56 8.55 20.64
C PRO A 338 7.56 10.03 20.37
N ILE A 339 7.87 10.82 21.39
CA ILE A 339 7.75 12.27 21.31
C ILE A 339 8.44 12.90 22.52
N SER A 340 8.71 14.20 22.44
CA SER A 340 9.23 14.94 23.57
C SER A 340 8.14 15.20 24.59
N VAL A 341 8.39 16.14 25.51
CA VAL A 341 7.58 16.35 26.71
C VAL A 341 6.09 16.54 26.41
N ILE A 342 5.75 16.82 25.15
CA ILE A 342 4.33 17.05 24.84
C ILE A 342 3.53 15.81 25.18
N PRO A 343 2.31 15.93 25.72
CA PRO A 343 1.62 14.78 26.28
C PRO A 343 1.07 13.87 25.19
N THR A 344 0.43 12.79 25.65
CA THR A 344 -0.13 11.81 24.72
C THR A 344 -1.58 12.11 24.36
N TYR A 345 -2.26 12.94 25.14
CA TYR A 345 -3.68 13.19 24.92
C TYR A 345 -3.94 14.21 23.83
N VAL A 346 -2.96 14.50 22.98
CA VAL A 346 -3.18 15.43 21.88
C VAL A 346 -3.64 14.71 20.62
N TYR A 347 -3.13 13.51 20.37
CA TYR A 347 -3.43 12.76 19.15
C TYR A 347 -4.92 12.43 19.00
N PRO A 348 -5.61 11.97 20.04
CA PRO A 348 -7.06 11.76 19.88
C PRO A 348 -7.80 13.03 19.51
N LEU A 349 -7.36 14.18 20.01
CA LEU A 349 -8.01 15.42 19.62
C LEU A 349 -7.66 15.81 18.20
N ALA A 350 -6.37 16.01 17.92
CA ALA A 350 -5.94 16.49 16.61
C ALA A 350 -6.56 15.70 15.47
N LEU A 351 -6.56 14.37 15.58
CA LEU A 351 -7.19 13.54 14.56
C LEU A 351 -8.58 14.06 14.21
N TYR A 352 -9.47 14.10 15.21
CA TYR A 352 -10.83 14.56 14.94
C TYR A 352 -10.83 16.00 14.42
N GLY A 353 -9.92 16.84 14.94
CA GLY A 353 -9.79 18.18 14.40
C GLY A 353 -9.60 18.16 12.90
N PHE A 354 -8.66 17.34 12.43
CA PHE A 354 -8.48 17.19 10.99
C PHE A 354 -9.78 16.74 10.32
N MET A 355 -10.44 15.74 10.91
CA MET A 355 -11.67 15.23 10.31
C MET A 355 -12.73 16.31 10.21
N VAL A 356 -12.60 17.36 11.03
CA VAL A 356 -13.50 18.50 10.88
C VAL A 356 -12.93 19.49 9.87
N PHE A 357 -11.64 19.81 10.00
CA PHE A 357 -11.04 20.81 9.13
C PHE A 357 -10.81 20.29 7.72
N PHE A 358 -11.14 19.03 7.46
CA PHE A 358 -11.19 18.49 6.10
C PHE A 358 -12.60 18.54 5.53
N LEU A 359 -13.62 18.57 6.38
CA LEU A 359 -15.00 18.56 5.91
C LEU A 359 -15.50 19.95 5.56
N ILE A 360 -15.14 20.95 6.36
CA ILE A 360 -15.62 22.31 6.16
C ILE A 360 -14.58 23.17 5.45
N ASN A 361 -13.67 22.56 4.71
CA ASN A 361 -12.60 23.29 4.04
C ASN A 361 -13.20 24.22 2.99
N PRO A 362 -13.02 25.55 3.12
CA PRO A 362 -13.66 26.47 2.16
C PRO A 362 -12.99 26.51 0.80
N THR A 363 -11.74 26.04 0.68
CA THR A 363 -11.05 26.08 -0.60
C THR A 363 -11.70 25.11 -1.59
N LYS A 364 -11.30 25.23 -2.85
CA LYS A 364 -11.81 24.37 -3.91
C LYS A 364 -10.85 23.20 -4.16
N THR A 365 -10.62 22.42 -3.10
CA THR A 365 -9.69 21.30 -3.16
C THR A 365 -10.25 20.14 -2.37
N PHE A 366 -9.81 18.93 -2.75
CA PHE A 366 -10.15 17.69 -2.06
C PHE A 366 -11.66 17.49 -2.02
N TYR A 367 -12.23 17.32 -3.21
CA TYR A 367 -13.66 17.08 -3.40
C TYR A 367 -14.49 18.23 -2.80
N TYR A 368 -14.29 19.42 -3.36
CA TYR A 368 -15.07 20.56 -2.91
C TYR A 368 -16.50 20.49 -3.43
N LYS A 369 -16.73 19.82 -4.55
CA LYS A 369 -18.08 19.68 -5.07
C LYS A 369 -18.93 18.72 -4.24
N SER A 370 -18.29 17.84 -3.48
CA SER A 370 -19.02 16.84 -2.70
C SER A 370 -19.37 17.34 -1.31
N ARG A 371 -18.37 17.83 -0.57
CA ARG A 371 -18.60 18.23 0.81
C ARG A 371 -19.58 19.38 0.92
N PHE A 372 -19.72 20.21 -0.10
CA PHE A 372 -20.69 21.31 -0.03
C PHE A 372 -22.11 20.76 -0.06
N TRP A 373 -22.40 19.84 -0.98
CA TRP A 373 -23.70 19.18 -0.99
C TRP A 373 -23.92 18.40 0.29
N LEU A 374 -22.88 17.74 0.80
CA LEU A 374 -23.01 17.00 2.05
C LEU A 374 -23.39 17.93 3.20
N LEU A 375 -22.75 19.09 3.27
CA LEU A 375 -23.05 20.03 4.36
C LEU A 375 -24.42 20.64 4.22
N LYS A 376 -24.85 20.97 3.00
CA LYS A 376 -26.21 21.46 2.81
C LYS A 376 -27.22 20.41 3.26
N LEU A 377 -27.01 19.16 2.87
CA LEU A 377 -27.92 18.09 3.28
C LEU A 377 -27.91 17.89 4.78
N LEU A 378 -26.73 17.89 5.39
CA LEU A 378 -26.63 17.72 6.84
C LEU A 378 -27.27 18.86 7.59
N PHE A 379 -27.26 20.07 7.04
CA PHE A 379 -27.95 21.17 7.69
C PHE A 379 -29.46 21.04 7.53
N ARG A 380 -29.91 20.59 6.37
CA ARG A 380 -31.35 20.44 6.17
C ARG A 380 -31.91 19.28 6.99
N VAL A 381 -31.07 18.29 7.33
CA VAL A 381 -31.55 17.14 8.09
C VAL A 381 -31.54 17.45 9.58
N PHE A 382 -30.47 18.07 10.06
CA PHE A 382 -30.24 18.28 11.48
C PHE A 382 -31.07 19.41 12.05
N THR A 383 -32.10 19.86 11.34
CA THR A 383 -32.87 21.02 11.74
C THR A 383 -34.34 20.67 11.88
N ALA A 384 -35.14 21.69 12.14
CA ALA A 384 -36.57 21.61 12.37
C ALA A 384 -37.30 21.07 11.15
N PRO A 385 -38.61 20.76 11.25
CA PRO A 385 -39.33 20.29 10.05
C PRO A 385 -39.67 21.41 9.09
N PHE A 386 -39.01 22.57 9.23
CA PHE A 386 -39.28 23.70 8.35
C PHE A 386 -38.98 23.39 6.90
N HIS A 387 -38.16 22.40 6.61
CA HIS A 387 -37.77 22.08 5.25
C HIS A 387 -38.58 20.91 4.71
N LYS A 388 -38.89 20.97 3.42
CA LYS A 388 -39.57 19.87 2.77
C LYS A 388 -38.67 18.63 2.74
N VAL A 389 -39.29 17.47 2.85
CA VAL A 389 -38.57 16.21 2.95
C VAL A 389 -38.39 15.61 1.57
N GLY A 390 -37.13 15.32 1.21
CA GLY A 390 -36.83 14.62 -0.01
C GLY A 390 -36.07 13.36 0.30
N PHE A 391 -35.84 12.55 -0.74
CA PHE A 391 -35.24 11.24 -0.52
C PHE A 391 -33.87 11.33 0.14
N ALA A 392 -33.06 12.33 -0.21
CA ALA A 392 -31.75 12.44 0.41
C ALA A 392 -31.88 12.74 1.90
N ASP A 393 -32.81 13.63 2.26
CA ASP A 393 -33.02 13.95 3.67
C ASP A 393 -33.40 12.70 4.45
N PHE A 394 -34.44 12.00 3.99
CA PHE A 394 -34.88 10.80 4.69
C PHE A 394 -33.78 9.77 4.77
N TRP A 395 -33.03 9.60 3.68
CA TRP A 395 -31.99 8.56 3.64
C TRP A 395 -30.89 8.87 4.64
N LEU A 396 -30.39 10.09 4.66
CA LEU A 396 -29.32 10.42 5.62
C LEU A 396 -29.83 10.38 7.04
N ALA A 397 -31.06 10.85 7.27
CA ALA A 397 -31.60 10.82 8.63
C ALA A 397 -31.75 9.39 9.12
N ASP A 398 -32.08 8.47 8.22
CA ASP A 398 -32.21 7.07 8.63
C ASP A 398 -30.85 6.42 8.80
N GLN A 399 -29.86 6.81 8.00
CA GLN A 399 -28.50 6.29 8.18
C GLN A 399 -27.94 6.71 9.52
N LEU A 400 -28.28 7.93 9.97
CA LEU A 400 -27.86 8.36 11.29
C LEU A 400 -28.45 7.46 12.38
N ASN A 401 -29.63 6.89 12.14
CA ASN A 401 -30.32 6.13 13.18
C ASN A 401 -29.53 4.91 13.58
N SER A 402 -28.91 4.23 12.61
CA SER A 402 -28.08 3.07 12.88
C SER A 402 -26.60 3.44 12.98
N LEU A 403 -26.31 4.67 13.40
CA LEU A 403 -24.94 5.16 13.48
C LEU A 403 -24.73 5.95 14.77
N SER A 404 -25.59 5.74 15.76
CA SER A 404 -25.63 6.57 16.96
C SER A 404 -24.49 6.27 17.93
N VAL A 405 -23.52 5.45 17.53
CA VAL A 405 -22.39 5.20 18.40
C VAL A 405 -21.35 6.32 18.29
N ILE A 406 -21.28 6.98 17.13
CA ILE A 406 -20.37 8.11 16.98
C ILE A 406 -20.80 9.27 17.88
N LEU A 407 -22.10 9.58 17.91
CA LEU A 407 -22.58 10.66 18.75
C LEU A 407 -22.29 10.39 20.22
N MET A 408 -22.63 9.19 20.69
CA MET A 408 -22.40 8.85 22.09
C MET A 408 -20.91 8.83 22.43
N ASP A 409 -20.16 8.38 21.45
CA ASP A 409 -18.71 8.14 21.62
C ASP A 409 -17.95 9.36 21.18
N LEU A 410 -18.64 10.45 21.03
CA LEU A 410 -18.09 11.79 20.94
C LEU A 410 -18.44 12.61 22.17
N GLU A 411 -19.70 12.49 22.63
CA GLU A 411 -20.05 13.06 23.93
C GLU A 411 -19.17 12.49 25.03
N TYR A 412 -18.83 11.21 24.92
CA TYR A 412 -17.92 10.61 25.90
C TYR A 412 -16.59 11.33 25.90
N MET A 413 -16.01 11.56 24.72
CA MET A 413 -14.73 12.26 24.66
C MET A 413 -14.86 13.66 25.27
N ILE A 414 -15.94 14.36 24.94
CA ILE A 414 -16.12 15.72 25.47
C ILE A 414 -16.19 15.70 26.98
N CYS A 415 -17.09 14.88 27.54
CA CYS A 415 -17.27 14.79 28.99
C CYS A 415 -16.04 14.25 29.69
N PHE A 416 -15.19 13.50 29.00
CA PHE A 416 -13.97 12.98 29.62
C PHE A 416 -12.89 14.05 29.67
N TYR A 417 -12.65 14.73 28.55
CA TYR A 417 -11.71 15.84 28.55
C TYR A 417 -12.19 16.99 29.42
N SER A 418 -13.48 17.04 29.74
CA SER A 418 -13.99 18.13 30.56
C SER A 418 -13.53 18.02 32.00
N LEU A 419 -13.86 16.92 32.67
CA LEU A 419 -13.68 16.86 34.12
C LEU A 419 -13.11 15.53 34.58
N GLU A 420 -12.30 14.87 33.74
CA GLU A 420 -11.73 13.59 34.14
C GLU A 420 -10.25 13.43 33.82
N LEU A 421 -9.66 14.30 33.00
CA LEU A 421 -8.28 14.17 32.58
C LEU A 421 -7.44 15.24 33.26
N LYS A 422 -6.49 14.82 34.08
CA LYS A 422 -5.58 15.74 34.74
C LYS A 422 -4.49 16.12 33.74
N TRP A 423 -4.47 17.38 33.32
CA TRP A 423 -3.55 17.80 32.28
C TRP A 423 -2.09 17.75 32.75
N ASP A 424 -1.86 17.90 34.05
CA ASP A 424 -0.49 17.93 34.55
C ASP A 424 0.24 16.61 34.29
N GLU A 425 -0.48 15.50 34.43
CA GLU A 425 0.12 14.20 34.14
C GLU A 425 0.24 14.03 32.63
N SER A 426 1.48 13.81 32.16
CA SER A 426 1.74 13.69 30.73
C SER A 426 1.41 12.30 30.19
N LYS A 427 0.71 11.47 30.96
CA LYS A 427 0.24 10.16 30.48
C LYS A 427 -1.22 9.93 30.88
N GLY A 428 -1.97 11.00 31.13
CA GLY A 428 -3.31 10.87 31.66
C GLY A 428 -4.31 10.24 30.72
N LEU A 429 -4.00 10.19 29.42
CA LEU A 429 -4.92 9.57 28.46
C LEU A 429 -5.27 8.15 28.90
N LEU A 430 -4.29 7.42 29.40
CA LEU A 430 -4.57 6.21 30.16
C LEU A 430 -4.67 6.58 31.63
N PRO A 431 -5.77 6.26 32.31
CA PRO A 431 -5.95 6.72 33.69
C PRO A 431 -4.82 6.25 34.60
N ASN A 432 -4.69 6.94 35.74
CA ASN A 432 -3.57 6.76 36.65
C ASN A 432 -3.72 5.55 37.56
N ASN A 433 -4.63 4.64 37.27
CA ASN A 433 -4.82 3.46 38.10
C ASN A 433 -5.23 2.29 37.22
N SER A 434 -5.33 1.12 37.84
CA SER A 434 -5.74 -0.09 37.13
C SER A 434 -7.25 -0.10 36.91
N SER A 437 -12.30 4.18 36.60
CA SER A 437 -13.74 4.34 36.76
C SER A 437 -14.15 5.79 36.53
N GLY A 438 -14.67 6.44 37.58
CA GLY A 438 -15.06 7.83 37.48
C GLY A 438 -16.40 8.03 36.83
N ILE A 439 -17.03 9.18 37.07
CA ILE A 439 -18.35 9.46 36.51
C ILE A 439 -18.18 10.06 35.12
N CYS A 440 -18.05 9.21 34.13
CA CYS A 440 -17.94 9.69 32.77
C CYS A 440 -18.87 8.96 31.81
N HIS A 441 -19.11 7.67 32.02
CA HIS A 441 -19.87 6.84 31.10
C HIS A 441 -21.28 6.53 31.60
N LYS A 442 -21.46 6.39 32.91
CA LYS A 442 -22.74 5.96 33.45
C LYS A 442 -23.82 6.99 33.19
N TYR A 443 -25.06 6.51 33.08
CA TYR A 443 -26.22 7.39 32.96
C TYR A 443 -26.43 8.11 34.29
N THR A 444 -26.02 9.37 34.36
CA THR A 444 -26.08 10.13 35.60
C THR A 444 -27.06 11.29 35.53
N TYR A 445 -26.91 12.19 34.55
CA TYR A 445 -27.81 13.31 34.41
C TYR A 445 -28.62 13.23 33.12
N GLY A 446 -28.72 12.05 32.53
CA GLY A 446 -29.51 11.85 31.33
C GLY A 446 -28.90 12.38 30.05
N VAL A 447 -27.77 13.09 30.14
CA VAL A 447 -27.14 13.62 28.92
C VAL A 447 -26.83 12.50 27.94
N ARG A 448 -26.23 11.41 28.44
CA ARG A 448 -26.02 10.26 27.58
C ARG A 448 -27.35 9.67 27.12
N ALA A 449 -28.32 9.58 28.02
CA ALA A 449 -29.62 9.04 27.65
C ALA A 449 -30.33 9.93 26.63
N ILE A 450 -30.17 11.25 26.76
CA ILE A 450 -30.76 12.16 25.80
C ILE A 450 -30.11 11.99 24.43
N VAL A 451 -28.77 12.08 24.38
CA VAL A 451 -28.05 11.95 23.13
C VAL A 451 -28.18 10.55 22.54
N GLN A 452 -28.64 9.58 23.32
CA GLN A 452 -28.84 8.24 22.78
C GLN A 452 -29.80 8.25 21.61
N CYS A 453 -30.82 9.11 21.63
CA CYS A 453 -31.75 9.23 20.51
C CYS A 453 -31.88 10.70 20.12
N ILE A 454 -30.88 11.18 19.38
CA ILE A 454 -31.01 12.37 18.54
C ILE A 454 -31.59 11.97 17.19
N PRO A 455 -31.07 10.93 16.52
CA PRO A 455 -31.61 10.60 15.19
C PRO A 455 -33.06 10.14 15.22
N ALA A 456 -33.44 9.38 16.24
CA ALA A 456 -34.84 8.99 16.37
C ALA A 456 -35.74 10.21 16.40
N TRP A 457 -35.32 11.26 17.11
CA TRP A 457 -36.08 12.50 17.14
C TRP A 457 -36.22 13.09 15.75
N LEU A 458 -35.12 13.09 14.98
CA LEU A 458 -35.15 13.66 13.64
C LEU A 458 -36.11 12.90 12.74
N ARG A 459 -36.04 11.57 12.76
CA ARG A 459 -36.93 10.79 11.91
C ARG A 459 -38.38 10.94 12.33
N PHE A 460 -38.64 10.97 13.64
CA PHE A 460 -40.00 11.19 14.12
C PHE A 460 -40.55 12.52 13.61
N ILE A 461 -39.77 13.59 13.76
CA ILE A 461 -40.23 14.91 13.32
C ILE A 461 -40.43 14.94 11.82
N GLN A 462 -39.55 14.28 11.06
CA GLN A 462 -39.69 14.28 9.61
C GLN A 462 -40.95 13.55 9.17
N CYS A 463 -41.26 12.44 9.83
CA CYS A 463 -42.50 11.74 9.52
C CYS A 463 -43.71 12.61 9.83
N LEU A 464 -43.67 13.30 10.97
CA LEU A 464 -44.77 14.20 11.31
C LEU A 464 -44.93 15.29 10.26
N ARG A 465 -43.82 15.84 9.77
CA ARG A 465 -43.90 16.88 8.75
C ARG A 465 -44.46 16.34 7.44
N ARG A 466 -44.02 15.15 7.04
CA ARG A 466 -44.55 14.56 5.82
C ARG A 466 -46.05 14.35 5.92
N TYR A 467 -46.52 13.92 7.09
CA TYR A 467 -47.97 13.78 7.27
C TYR A 467 -48.65 15.14 7.19
N ARG A 468 -48.11 16.13 7.91
CA ARG A 468 -48.69 17.47 7.89
C ARG A 468 -48.81 18.02 6.48
N ASP A 469 -47.87 17.67 5.60
CA ASP A 469 -47.89 18.19 4.25
C ASP A 469 -48.63 17.32 3.25
N THR A 470 -48.92 16.06 3.58
CA THR A 470 -49.58 15.19 2.61
C THR A 470 -50.93 14.69 3.10
N LYS A 471 -51.16 14.73 4.41
CA LYS A 471 -52.43 14.39 5.06
C LYS A 471 -52.80 12.93 4.93
N ARG A 472 -51.92 12.08 4.41
CA ARG A 472 -52.16 10.64 4.39
C ARG A 472 -51.61 10.05 5.69
N ALA A 473 -52.49 9.43 6.47
CA ALA A 473 -52.15 9.08 7.84
C ALA A 473 -51.31 7.80 7.92
N PHE A 474 -51.67 6.77 7.16
CA PHE A 474 -51.16 5.43 7.39
C PHE A 474 -49.63 5.38 7.38
N PRO A 475 -48.95 5.64 6.26
CA PRO A 475 -47.52 5.32 6.21
C PRO A 475 -46.71 6.13 7.20
N HIS A 476 -46.87 7.45 7.17
CA HIS A 476 -46.03 8.32 7.99
C HIS A 476 -46.38 8.23 9.47
N LEU A 477 -47.66 8.07 9.79
CA LEU A 477 -48.04 7.93 11.19
C LEU A 477 -47.50 6.62 11.78
N VAL A 478 -47.63 5.51 11.05
CA VAL A 478 -47.09 4.26 11.56
C VAL A 478 -45.57 4.33 11.61
N ASN A 479 -44.95 5.07 10.68
CA ASN A 479 -43.51 5.28 10.73
C ASN A 479 -43.11 5.98 12.03
N ALA A 480 -43.79 7.08 12.35
CA ALA A 480 -43.49 7.79 13.60
C ALA A 480 -43.71 6.90 14.81
N GLY A 481 -44.75 6.06 14.75
CA GLY A 481 -44.94 5.07 15.80
C GLY A 481 -43.76 4.14 15.93
N LYS A 482 -43.12 3.79 14.81
CA LYS A 482 -41.97 2.91 14.86
C LYS A 482 -40.81 3.53 15.63
N TYR A 483 -40.64 4.85 15.52
CA TYR A 483 -39.52 5.49 16.19
C TYR A 483 -39.84 5.86 17.64
N SER A 484 -41.11 6.06 17.98
CA SER A 484 -41.44 6.37 19.38
C SER A 484 -41.03 5.24 20.32
N THR A 485 -41.04 3.99 19.83
CA THR A 485 -40.60 2.88 20.66
C THR A 485 -39.14 3.03 21.07
N THR A 486 -38.33 3.71 20.26
CA THR A 486 -36.96 3.97 20.66
C THR A 486 -36.91 4.88 21.87
N PHE A 487 -37.67 5.98 21.86
CA PHE A 487 -37.80 6.82 23.05
C PHE A 487 -38.15 5.98 24.27
N PHE A 488 -39.18 5.13 24.11
CA PHE A 488 -39.66 4.37 25.26
C PHE A 488 -38.59 3.41 25.80
N MET A 489 -37.98 2.63 24.90
CA MET A 489 -36.96 1.68 25.32
C MET A 489 -35.78 2.38 25.97
N VAL A 490 -35.34 3.50 25.39
CA VAL A 490 -34.18 4.19 25.93
C VAL A 490 -34.48 4.73 27.32
N THR A 491 -35.63 5.40 27.49
CA THR A 491 -35.91 5.98 28.79
C THR A 491 -36.09 4.90 29.85
N PHE A 492 -36.70 3.77 29.48
CA PHE A 492 -36.88 2.71 30.47
C PHE A 492 -35.54 2.10 30.86
N ALA A 493 -34.68 1.83 29.88
CA ALA A 493 -33.37 1.27 30.19
C ALA A 493 -32.57 2.21 31.07
N ALA A 494 -32.57 3.50 30.74
CA ALA A 494 -31.81 4.47 31.52
C ALA A 494 -32.34 4.56 32.95
N LEU A 495 -33.67 4.60 33.10
CA LEU A 495 -34.24 4.69 34.44
C LEU A 495 -33.91 3.47 35.27
N TYR A 496 -33.96 2.28 34.66
CA TYR A 496 -33.62 1.07 35.39
C TYR A 496 -32.15 1.09 35.82
N SER A 497 -31.25 1.42 34.89
CA SER A 497 -29.84 1.44 35.22
C SER A 497 -29.52 2.48 36.29
N THR A 498 -30.28 3.57 36.33
CA THR A 498 -30.01 4.60 37.32
C THR A 498 -30.59 4.23 38.68
N HIS A 499 -31.79 3.64 38.70
CA HIS A 499 -32.39 3.26 39.97
C HIS A 499 -31.71 2.04 40.58
N LYS A 500 -30.98 1.26 39.77
CA LYS A 500 -30.22 0.16 40.35
C LYS A 500 -29.18 0.66 41.35
N GLU A 501 -28.60 1.84 41.08
CA GLU A 501 -27.55 2.36 41.95
C GLU A 501 -28.09 2.68 43.34
N ARG A 502 -29.16 3.48 43.40
CA ARG A 502 -29.76 3.82 44.67
C ARG A 502 -30.40 2.62 45.36
N GLY A 503 -30.57 1.51 44.65
CA GLY A 503 -31.21 0.35 45.23
C GLY A 503 -32.65 0.59 45.58
N HIS A 504 -33.40 1.17 44.65
CA HIS A 504 -34.81 1.46 44.89
C HIS A 504 -35.61 0.16 44.97
N SER A 505 -36.91 0.30 45.19
CA SER A 505 -37.75 -0.86 45.43
C SER A 505 -37.99 -1.65 44.14
N ASP A 506 -38.59 -1.00 43.13
CA ASP A 506 -39.05 -1.72 41.94
C ASP A 506 -37.96 -1.83 40.88
N THR A 507 -36.75 -2.23 41.29
CA THR A 507 -35.70 -2.46 40.31
C THR A 507 -35.99 -3.71 39.49
N MET A 508 -36.83 -4.59 40.00
CA MET A 508 -37.31 -5.72 39.20
C MET A 508 -38.35 -5.27 38.18
N VAL A 509 -39.06 -4.18 38.47
CA VAL A 509 -40.09 -3.71 37.54
C VAL A 509 -39.45 -2.97 36.39
N PHE A 510 -38.59 -1.99 36.69
CA PHE A 510 -37.93 -1.24 35.63
C PHE A 510 -36.99 -2.10 34.81
N PHE A 511 -36.58 -3.25 35.33
CA PHE A 511 -35.85 -4.20 34.49
C PHE A 511 -36.82 -4.98 33.61
N TYR A 512 -38.00 -5.33 34.13
CA TYR A 512 -38.97 -6.05 33.32
C TYR A 512 -39.49 -5.17 32.20
N LEU A 513 -40.06 -4.01 32.53
CA LEU A 513 -40.70 -3.16 31.54
C LEU A 513 -39.77 -2.80 30.40
N TRP A 514 -38.52 -2.45 30.71
CA TRP A 514 -37.53 -2.22 29.66
C TRP A 514 -37.52 -3.38 28.68
N ILE A 515 -37.32 -4.60 29.19
CA ILE A 515 -37.28 -5.77 28.33
C ILE A 515 -38.53 -5.85 27.45
N VAL A 516 -39.68 -5.44 28.00
CA VAL A 516 -40.91 -5.45 27.21
C VAL A 516 -40.76 -4.53 25.99
N PHE A 517 -40.39 -3.28 26.22
CA PHE A 517 -40.35 -2.31 25.13
C PHE A 517 -39.31 -2.70 24.08
N TYR A 518 -38.08 -2.95 24.52
CA TYR A 518 -37.05 -3.44 23.61
C TYR A 518 -37.51 -4.66 22.83
N ILE A 519 -38.44 -5.45 23.37
CA ILE A 519 -39.04 -6.52 22.55
C ILE A 519 -39.90 -5.91 21.45
N ILE A 520 -40.96 -5.20 21.83
CA ILE A 520 -41.94 -4.77 20.84
C ILE A 520 -41.28 -3.86 19.81
N SER A 521 -40.47 -2.90 20.28
CA SER A 521 -39.69 -2.06 19.38
C SER A 521 -39.02 -2.90 18.30
N SER A 522 -38.26 -3.92 18.71
CA SER A 522 -37.59 -4.77 17.73
C SER A 522 -38.57 -5.29 16.70
N CYS A 523 -39.67 -5.89 17.15
CA CYS A 523 -40.66 -6.37 16.20
C CYS A 523 -41.18 -5.24 15.34
N TYR A 524 -41.55 -4.11 15.97
CA TYR A 524 -42.06 -2.96 15.23
C TYR A 524 -41.07 -2.54 14.15
N THR A 525 -39.78 -2.75 14.37
CA THR A 525 -38.83 -2.43 13.33
C THR A 525 -38.72 -3.56 12.32
N LEU A 526 -38.64 -4.80 12.79
CA LEU A 526 -38.30 -5.91 11.90
C LEU A 526 -39.31 -6.06 10.78
N ILE A 527 -40.59 -6.12 11.13
CA ILE A 527 -41.64 -6.20 10.11
C ILE A 527 -41.49 -5.06 9.12
N TRP A 528 -41.25 -3.85 9.62
CA TRP A 528 -41.18 -2.69 8.74
C TRP A 528 -39.98 -2.78 7.80
N ASP A 529 -38.97 -3.55 8.17
CA ASP A 529 -37.82 -3.71 7.27
C ASP A 529 -38.14 -4.62 6.10
N LEU A 530 -39.14 -5.48 6.27
CA LEU A 530 -39.44 -6.47 5.24
C LEU A 530 -40.73 -6.13 4.49
N LYS A 531 -41.73 -5.61 5.19
CA LYS A 531 -43.01 -5.37 4.55
C LYS A 531 -43.00 -4.07 3.75
N MET A 532 -42.60 -2.97 4.35
CA MET A 532 -42.69 -1.67 3.72
C MET A 532 -41.37 -1.18 3.14
N ASP A 533 -40.25 -1.42 3.84
CA ASP A 533 -38.96 -0.95 3.34
C ASP A 533 -38.55 -1.72 2.09
N TRP A 534 -38.37 -3.03 2.21
CA TRP A 534 -37.99 -3.85 1.07
C TRP A 534 -39.20 -4.28 0.26
N GLY A 535 -40.19 -4.90 0.92
CA GLY A 535 -41.39 -5.33 0.25
C GLY A 535 -41.30 -6.75 -0.26
N LEU A 536 -40.77 -7.66 0.56
CA LEU A 536 -40.51 -9.02 0.11
C LEU A 536 -41.74 -9.91 0.27
N PHE A 537 -42.35 -9.92 1.46
CA PHE A 537 -43.48 -10.79 1.69
C PHE A 537 -44.71 -10.28 0.97
N ASP A 538 -44.72 -10.41 -0.35
CA ASP A 538 -45.80 -9.88 -1.18
C ASP A 538 -46.84 -10.97 -1.44
N LYS A 539 -48.08 -10.53 -1.69
CA LYS A 539 -49.16 -11.48 -1.91
C LYS A 539 -48.96 -12.25 -3.21
N ASN A 540 -48.59 -11.57 -4.28
CA ASN A 540 -48.40 -12.20 -5.57
C ASN A 540 -46.95 -12.66 -5.71
N ALA A 541 -46.55 -13.00 -6.94
CA ALA A 541 -45.20 -13.49 -7.23
C ALA A 541 -44.90 -14.78 -6.48
N GLY A 542 -45.80 -15.75 -6.63
CA GLY A 542 -45.60 -17.03 -5.97
C GLY A 542 -44.39 -17.79 -6.47
N GLU A 543 -44.00 -17.57 -7.71
CA GLU A 543 -42.84 -18.28 -8.26
C GLU A 543 -41.55 -17.84 -7.57
N ASN A 544 -41.46 -16.57 -7.17
CA ASN A 544 -40.25 -16.07 -6.52
C ASN A 544 -40.19 -16.43 -5.05
N THR A 545 -41.21 -17.09 -4.50
CA THR A 545 -41.18 -17.66 -3.15
C THR A 545 -40.91 -16.59 -2.09
N PHE A 546 -41.90 -15.72 -1.92
CA PHE A 546 -41.92 -14.68 -0.90
C PHE A 546 -40.99 -13.51 -1.24
N LEU A 547 -40.82 -13.23 -2.52
CA LEU A 547 -40.10 -12.06 -2.96
C LEU A 547 -41.03 -11.21 -3.84
N ARG A 548 -40.47 -10.18 -4.47
CA ARG A 548 -41.25 -9.37 -5.38
C ARG A 548 -41.40 -10.09 -6.71
N GLU A 549 -42.23 -9.52 -7.58
CA GLU A 549 -42.44 -10.10 -8.90
C GLU A 549 -41.30 -9.76 -9.84
N GLU A 550 -40.73 -8.56 -9.70
CA GLU A 550 -39.60 -8.12 -10.52
C GLU A 550 -38.43 -7.81 -9.59
N ILE A 551 -37.44 -8.70 -9.56
CA ILE A 551 -36.23 -8.49 -8.77
C ILE A 551 -35.13 -8.04 -9.72
N VAL A 552 -34.09 -7.42 -9.16
CA VAL A 552 -33.02 -6.82 -9.95
C VAL A 552 -31.72 -7.59 -9.79
N TYR A 553 -31.36 -7.93 -8.56
CA TYR A 553 -30.07 -8.53 -8.30
C TYR A 553 -30.00 -9.93 -8.93
N PRO A 554 -28.82 -10.35 -9.39
CA PRO A 554 -28.73 -11.56 -10.22
C PRO A 554 -29.18 -12.83 -9.52
N GLN A 555 -28.57 -13.15 -8.39
CA GLN A 555 -28.79 -14.42 -7.71
C GLN A 555 -29.87 -14.25 -6.64
N LYS A 556 -30.93 -15.06 -6.73
CA LYS A 556 -32.04 -14.95 -5.79
C LYS A 556 -31.63 -15.30 -4.38
N ALA A 557 -30.82 -16.35 -4.19
CA ALA A 557 -30.45 -16.81 -2.87
C ALA A 557 -30.02 -15.68 -1.94
N TYR A 558 -29.33 -14.67 -2.49
CA TYR A 558 -28.92 -13.51 -1.70
C TYR A 558 -30.04 -13.05 -0.77
N TYR A 559 -31.19 -12.69 -1.35
CA TYR A 559 -32.30 -12.18 -0.55
C TYR A 559 -32.52 -13.02 0.69
N TYR A 560 -32.62 -14.34 0.54
CA TYR A 560 -32.94 -15.20 1.67
C TYR A 560 -31.96 -14.97 2.81
N CYS A 561 -30.66 -15.05 2.53
CA CYS A 561 -29.68 -14.84 3.59
C CYS A 561 -29.92 -13.50 4.28
N ALA A 562 -30.09 -12.43 3.49
CA ALA A 562 -30.35 -11.13 4.07
C ALA A 562 -31.47 -11.20 5.09
N ILE A 563 -32.60 -11.80 4.71
CA ILE A 563 -33.72 -11.92 5.63
C ILE A 563 -33.26 -12.51 6.94
N ILE A 564 -32.64 -13.70 6.89
CA ILE A 564 -32.17 -14.34 8.12
C ILE A 564 -31.25 -13.40 8.87
N GLU A 565 -30.28 -12.81 8.16
CA GLU A 565 -29.37 -11.87 8.79
C GLU A 565 -30.14 -10.71 9.41
N ASP A 566 -31.09 -10.14 8.66
CA ASP A 566 -31.82 -8.99 9.17
C ASP A 566 -32.70 -9.40 10.34
N VAL A 567 -33.02 -10.69 10.45
CA VAL A 567 -33.76 -11.14 11.62
C VAL A 567 -32.84 -11.26 12.82
N ILE A 568 -31.60 -11.69 12.59
CA ILE A 568 -30.66 -11.86 13.70
C ILE A 568 -30.17 -10.50 14.18
N LEU A 569 -29.52 -9.76 13.30
CA LEU A 569 -28.83 -8.53 13.67
C LEU A 569 -29.77 -7.42 14.09
N ARG A 570 -31.08 -7.59 13.91
CA ARG A 570 -32.02 -6.59 14.43
C ARG A 570 -32.38 -6.82 15.88
N PHE A 571 -32.19 -8.08 16.24
CA PHE A 571 -32.39 -8.49 17.64
C PHE A 571 -31.17 -7.96 18.34
N ALA A 572 -29.99 -8.48 18.08
CA ALA A 572 -28.69 -7.95 18.57
C ALA A 572 -28.56 -7.97 20.08
N TRP A 573 -29.47 -7.26 20.73
CA TRP A 573 -29.44 -7.03 22.18
C TRP A 573 -29.90 -8.20 23.00
N THR A 574 -30.34 -9.28 22.39
CA THR A 574 -30.68 -10.48 23.17
C THR A 574 -29.42 -11.22 23.58
N ILE A 575 -28.47 -11.39 22.68
CA ILE A 575 -27.28 -12.10 23.16
C ILE A 575 -26.55 -11.26 24.20
N GLN A 576 -26.22 -9.99 23.95
CA GLN A 576 -25.38 -9.34 25.00
C GLN A 576 -26.08 -9.16 26.35
N ILE A 577 -27.39 -8.88 26.44
CA ILE A 577 -27.85 -8.83 27.85
C ILE A 577 -27.73 -10.25 28.41
N SER A 578 -28.07 -11.25 27.62
CA SER A 578 -27.94 -12.64 28.09
C SER A 578 -26.48 -13.03 28.26
N ILE A 579 -25.54 -12.45 27.52
CA ILE A 579 -24.16 -12.91 27.86
C ILE A 579 -23.90 -12.40 29.26
N THR A 580 -24.48 -11.26 29.60
CA THR A 580 -24.24 -10.64 30.92
C THR A 580 -25.23 -11.20 31.91
N SER A 581 -25.47 -12.50 31.85
CA SER A 581 -26.42 -13.01 32.86
C SER A 581 -25.81 -12.82 34.24
N THR A 582 -24.53 -13.21 34.36
CA THR A 582 -23.79 -13.28 35.65
C THR A 582 -22.48 -12.48 35.54
N THR A 583 -21.79 -12.16 36.64
CA THR A 583 -20.55 -11.35 36.50
C THR A 583 -19.39 -12.23 36.06
N LEU A 584 -19.35 -12.53 34.77
CA LEU A 584 -18.29 -13.39 34.21
C LEU A 584 -16.95 -12.67 34.34
N LEU A 585 -16.93 -11.38 34.00
CA LEU A 585 -15.67 -10.61 34.15
C LEU A 585 -15.99 -9.11 34.26
N PRO A 586 -15.06 -8.31 34.80
CA PRO A 586 -15.25 -6.87 34.91
C PRO A 586 -15.18 -6.23 33.51
N HIS A 587 -15.87 -5.10 33.33
CA HIS A 587 -16.03 -4.43 32.01
C HIS A 587 -16.73 -5.41 31.06
N SER A 588 -17.76 -6.05 31.61
CA SER A 588 -18.69 -7.01 31.01
C SER A 588 -19.52 -6.24 30.01
N GLY A 589 -19.95 -5.07 30.44
CA GLY A 589 -20.81 -4.35 29.50
C GLY A 589 -20.01 -3.89 28.32
N ASP A 590 -18.89 -3.20 28.57
CA ASP A 590 -18.24 -2.51 27.44
C ASP A 590 -17.84 -3.48 26.36
N ILE A 591 -17.27 -4.62 26.69
CA ILE A 591 -16.74 -5.50 25.62
C ILE A 591 -17.84 -5.95 24.70
N ILE A 592 -19.01 -6.28 25.19
CA ILE A 592 -20.03 -6.66 24.19
C ILE A 592 -20.47 -5.41 23.45
N ALA A 593 -20.54 -4.27 24.12
CA ALA A 593 -21.05 -3.05 23.48
C ALA A 593 -20.17 -2.69 22.30
N THR A 594 -18.87 -2.83 22.40
CA THR A 594 -18.07 -2.43 21.26
C THR A 594 -17.87 -3.57 20.29
N VAL A 595 -18.34 -4.79 20.54
CA VAL A 595 -18.15 -5.81 19.47
C VAL A 595 -19.41 -5.85 18.62
N PHE A 596 -20.46 -5.14 19.01
CA PHE A 596 -21.70 -5.23 18.23
C PHE A 596 -21.95 -3.98 17.42
N ALA A 597 -21.27 -2.92 17.73
CA ALA A 597 -21.41 -1.71 16.91
C ALA A 597 -21.10 -1.97 15.44
N PRO A 598 -20.00 -2.61 15.06
CA PRO A 598 -19.74 -2.84 13.64
C PRO A 598 -20.78 -3.73 12.96
N LEU A 599 -21.33 -4.72 13.66
CA LEU A 599 -22.42 -5.49 13.08
C LEU A 599 -23.66 -4.63 12.88
N GLU A 600 -23.90 -3.68 13.78
CA GLU A 600 -24.99 -2.74 13.57
C GLU A 600 -24.78 -1.91 12.32
N VAL A 601 -23.56 -1.38 12.12
CA VAL A 601 -23.32 -0.59 10.91
C VAL A 601 -23.25 -1.44 9.65
N PHE A 602 -23.05 -2.75 9.79
CA PHE A 602 -23.10 -3.68 8.67
C PHE A 602 -24.54 -3.99 8.27
N ARG A 603 -25.43 -4.07 9.25
CA ARG A 603 -26.85 -4.23 8.93
C ARG A 603 -27.35 -3.08 8.08
N ARG A 604 -26.88 -1.86 8.34
CA ARG A 604 -27.26 -0.73 7.50
C ARG A 604 -26.65 -0.81 6.11
N PHE A 605 -25.45 -1.39 5.98
CA PHE A 605 -24.88 -1.63 4.67
C PHE A 605 -25.69 -2.64 3.86
N VAL A 606 -26.28 -3.61 4.53
CA VAL A 606 -27.16 -4.56 3.83
C VAL A 606 -28.51 -3.93 3.51
N TRP A 607 -29.02 -3.07 4.39
CA TRP A 607 -30.36 -2.51 4.21
C TRP A 607 -30.45 -1.69 2.93
N ASN A 608 -29.39 -0.98 2.57
CA ASN A 608 -29.43 -0.08 1.42
C ASN A 608 -29.66 -0.84 0.12
N PHE A 609 -28.98 -1.97 -0.04
CA PHE A 609 -29.04 -2.73 -1.29
C PHE A 609 -30.46 -2.99 -1.73
N PHE A 610 -31.36 -3.19 -0.78
CA PHE A 610 -32.75 -3.48 -1.11
C PHE A 610 -33.66 -2.27 -0.95
N ARG A 611 -33.36 -1.34 -0.04
CA ARG A 611 -34.16 -0.13 0.01
C ARG A 611 -34.11 0.63 -1.30
N LEU A 612 -32.89 0.90 -1.80
CA LEU A 612 -32.77 1.64 -3.05
C LEU A 612 -33.35 0.85 -4.22
N GLU A 613 -33.16 -0.47 -4.21
CA GLU A 613 -33.69 -1.30 -5.29
C GLU A 613 -35.21 -1.22 -5.35
N ASN A 614 -35.87 -1.41 -4.21
CA ASN A 614 -37.32 -1.27 -4.19
C ASN A 614 -37.77 0.13 -4.54
N GLU A 615 -37.01 1.15 -4.14
CA GLU A 615 -37.33 2.51 -4.57
C GLU A 615 -37.27 2.65 -6.08
N HIS A 616 -36.37 1.92 -6.72
CA HIS A 616 -36.19 2.06 -8.17
C HIS A 616 -37.45 1.68 -8.93
N LEU A 617 -38.02 0.51 -8.63
CA LEU A 617 -39.11 -0.03 -9.44
C LEU A 617 -40.42 -0.14 -8.66
N ASN A 618 -40.56 0.54 -7.53
CA ASN A 618 -41.86 0.54 -6.85
C ASN A 618 -42.32 1.90 -6.38
N ASN A 619 -41.43 2.87 -6.20
CA ASN A 619 -41.80 4.19 -5.68
C ASN A 619 -42.52 4.07 -4.33
N CYS A 620 -42.03 3.19 -3.50
CA CYS A 620 -42.71 2.90 -2.25
C CYS A 620 -42.55 4.09 -1.32
N GLY A 621 -41.90 5.16 -1.75
CA GLY A 621 -41.74 6.24 -0.75
C GLY A 621 -42.61 7.43 -1.05
N GLU A 622 -43.03 7.48 -2.32
CA GLU A 622 -43.84 8.55 -2.94
C GLU A 622 -42.99 9.83 -3.01
N PHE A 623 -41.67 9.72 -3.14
CA PHE A 623 -40.93 10.97 -3.29
C PHE A 623 -41.20 11.40 -4.70
N ARG A 624 -40.88 10.52 -5.62
CA ARG A 624 -41.02 10.89 -7.05
C ARG A 624 -42.49 11.17 -7.35
N ALA A 625 -42.76 12.23 -8.10
CA ALA A 625 -44.16 12.53 -8.52
C ALA A 625 -44.31 12.09 -9.98
N VAL A 626 -45.12 11.04 -10.19
CA VAL A 626 -45.38 10.40 -11.50
C VAL A 626 -46.08 11.40 -12.43
N PRO B 228 -4.12 0.29 -22.00
CA PRO B 228 -3.96 0.41 -20.54
C PRO B 228 -4.39 -0.85 -19.80
N ALA B 229 -3.68 -1.18 -18.73
CA ALA B 229 -4.05 -2.33 -17.90
C ALA B 229 -5.48 -2.15 -17.39
N PRO B 230 -6.34 -3.16 -17.49
CA PRO B 230 -7.78 -2.90 -17.45
C PRO B 230 -8.30 -2.26 -16.18
N ALA B 231 -8.27 -2.97 -15.06
CA ALA B 231 -8.72 -2.39 -13.81
C ALA B 231 -7.91 -2.78 -12.59
N TRP B 232 -7.25 -3.93 -12.59
CA TRP B 232 -6.68 -4.48 -11.37
C TRP B 232 -5.17 -4.49 -11.36
N THR B 233 -4.52 -4.36 -12.52
CA THR B 233 -3.07 -4.28 -12.52
C THR B 233 -2.61 -2.97 -11.91
N THR B 234 -3.28 -1.86 -12.22
CA THR B 234 -2.95 -0.59 -11.57
C THR B 234 -3.21 -0.65 -10.07
N PHE B 235 -4.32 -1.28 -9.68
CA PHE B 235 -4.60 -1.43 -8.26
C PHE B 235 -3.52 -2.23 -7.55
N ARG B 236 -3.04 -3.30 -8.19
CA ARG B 236 -1.99 -4.10 -7.57
C ARG B 236 -0.66 -3.36 -7.52
N VAL B 237 -0.35 -2.59 -8.58
CA VAL B 237 0.82 -1.75 -8.54
C VAL B 237 0.78 -0.83 -7.33
N GLY B 238 -0.36 -0.18 -7.13
CA GLY B 238 -0.51 0.70 -5.97
C GLY B 238 -0.44 -0.04 -4.65
N LEU B 239 -1.06 -1.22 -4.57
CA LEU B 239 -1.04 -1.99 -3.33
C LEU B 239 0.39 -2.33 -2.93
N PHE B 240 1.16 -2.87 -3.87
CA PHE B 240 2.53 -3.25 -3.55
C PHE B 240 3.40 -2.04 -3.28
N CYS B 241 3.21 -0.96 -4.05
CA CYS B 241 3.97 0.26 -3.78
C CYS B 241 3.65 0.84 -2.42
N GLY B 242 2.42 0.66 -1.95
CA GLY B 242 2.03 1.17 -0.64
C GLY B 242 2.57 0.33 0.49
N ILE B 243 2.58 -0.99 0.32
CA ILE B 243 3.16 -1.84 1.35
C ILE B 243 4.66 -1.62 1.44
N PHE B 244 5.32 -1.40 0.29
CA PHE B 244 6.78 -1.33 0.27
C PHE B 244 7.29 -0.13 1.06
N ILE B 245 6.62 1.02 0.94
CA ILE B 245 7.12 2.24 1.59
C ILE B 245 7.14 2.06 3.11
N VAL B 246 6.03 1.63 3.68
CA VAL B 246 5.94 1.48 5.12
C VAL B 246 6.81 0.34 5.61
N LEU B 247 6.98 -0.72 4.80
CA LEU B 247 7.90 -1.76 5.22
C LEU B 247 9.34 -1.24 5.23
N ASN B 248 9.69 -0.36 4.29
CA ASN B 248 11.03 0.24 4.32
C ASN B 248 11.22 1.13 5.54
N ILE B 249 10.20 1.90 5.89
CA ILE B 249 10.32 2.76 7.08
C ILE B 249 10.45 1.91 8.34
N THR B 250 9.68 0.82 8.44
CA THR B 250 9.83 -0.09 9.57
C THR B 250 11.22 -0.70 9.61
N LEU B 251 11.77 -1.03 8.44
CA LEU B 251 13.12 -1.55 8.37
C LEU B 251 14.11 -0.54 8.93
N VAL B 252 14.01 0.72 8.49
CA VAL B 252 14.93 1.75 8.96
C VAL B 252 14.85 1.90 10.47
N LEU B 253 13.62 1.95 11.00
CA LEU B 253 13.47 2.14 12.44
C LEU B 253 14.02 0.95 13.23
N ALA B 254 13.73 -0.27 12.78
CA ALA B 254 14.23 -1.45 13.48
C ALA B 254 15.74 -1.53 13.40
N ALA B 255 16.32 -1.03 12.31
CA ALA B 255 17.77 -1.02 12.20
C ALA B 255 18.38 0.00 13.14
N VAL B 256 17.73 1.15 13.31
CA VAL B 256 18.26 2.16 14.22
C VAL B 256 18.16 1.70 15.66
N PHE B 257 17.05 1.05 16.02
CA PHE B 257 16.76 0.81 17.43
C PHE B 257 17.18 -0.57 17.92
N LYS B 258 16.69 -1.64 17.30
CA LYS B 258 16.80 -2.98 17.87
C LYS B 258 17.96 -3.78 17.30
N LEU B 259 19.10 -3.14 17.04
CA LEU B 259 20.30 -3.85 16.64
C LEU B 259 21.32 -3.78 17.76
N GLU B 260 21.99 -4.90 18.03
CA GLU B 260 22.81 -5.01 19.24
C GLU B 260 24.06 -4.14 19.17
N THR B 261 24.52 -3.81 17.97
CA THR B 261 25.76 -3.03 17.76
C THR B 261 26.94 -3.63 18.52
N ASP B 262 26.95 -4.96 18.65
CA ASP B 262 28.01 -5.67 19.33
C ASP B 262 28.78 -6.59 18.39
N ARG B 263 28.08 -7.44 17.65
CA ARG B 263 28.71 -8.31 16.68
C ARG B 263 28.79 -7.64 15.32
N SER B 264 29.46 -8.31 14.38
CA SER B 264 29.64 -7.73 13.05
C SER B 264 28.31 -7.66 12.31
N ILE B 265 28.26 -6.79 11.29
CA ILE B 265 27.03 -6.51 10.56
C ILE B 265 27.23 -6.56 9.05
N TRP B 266 28.44 -6.77 8.57
CA TRP B 266 28.72 -6.64 7.14
C TRP B 266 28.20 -7.79 6.28
N PRO B 267 28.26 -9.05 6.73
CA PRO B 267 27.73 -10.13 5.89
C PRO B 267 26.28 -9.91 5.45
N LEU B 268 25.43 -9.39 6.34
CA LEU B 268 24.04 -9.16 5.98
C LEU B 268 23.92 -8.16 4.84
N ILE B 269 24.68 -7.05 4.93
CA ILE B 269 24.67 -6.05 3.87
C ILE B 269 25.16 -6.65 2.56
N ARG B 270 26.27 -7.37 2.61
CA ARG B 270 26.83 -7.94 1.38
C ARG B 270 25.90 -8.98 0.76
N ILE B 271 25.06 -9.62 1.57
CA ILE B 271 24.16 -10.62 1.01
C ILE B 271 22.90 -9.98 0.44
N TYR B 272 22.40 -8.92 1.08
CA TYR B 272 21.14 -8.33 0.63
C TYR B 272 21.31 -7.26 -0.43
N ARG B 273 22.55 -6.81 -0.64
CA ARG B 273 22.87 -5.76 -1.65
C ARG B 273 22.46 -6.22 -3.05
N GLY B 274 22.56 -7.52 -3.33
CA GLY B 274 22.21 -8.03 -4.64
C GLY B 274 20.73 -7.94 -4.92
N GLY B 275 19.91 -8.50 -4.03
CA GLY B 275 18.47 -8.38 -4.18
C GLY B 275 18.02 -6.93 -4.26
N PHE B 276 18.62 -6.05 -3.45
CA PHE B 276 18.19 -4.66 -3.49
C PHE B 276 18.43 -4.06 -4.87
N LEU B 277 19.64 -4.17 -5.41
CA LEU B 277 19.94 -3.53 -6.67
C LEU B 277 19.49 -4.36 -7.87
N LEU B 278 18.81 -5.48 -7.64
CA LEU B 278 18.03 -6.11 -8.71
C LEU B 278 16.59 -5.62 -8.76
N ILE B 279 15.94 -5.52 -7.60
CA ILE B 279 14.62 -4.89 -7.56
C ILE B 279 14.69 -3.47 -8.06
N GLU B 280 15.75 -2.74 -7.68
CA GLU B 280 15.94 -1.38 -8.15
C GLU B 280 16.33 -1.31 -9.61
N PHE B 281 16.68 -2.44 -10.23
CA PHE B 281 16.89 -2.47 -11.67
C PHE B 281 15.57 -2.67 -12.41
N LEU B 282 14.74 -3.58 -11.92
CA LEU B 282 13.42 -3.76 -12.53
C LEU B 282 12.56 -2.52 -12.42
N PHE B 283 12.59 -1.85 -11.26
CA PHE B 283 11.76 -0.66 -11.08
C PHE B 283 12.14 0.44 -12.06
N LEU B 284 13.40 0.52 -12.46
CA LEU B 284 13.80 1.52 -13.44
C LEU B 284 13.55 1.06 -14.86
N LEU B 285 13.67 -0.25 -15.13
CA LEU B 285 13.29 -0.75 -16.44
C LEU B 285 11.83 -0.48 -16.76
N GLY B 286 10.97 -0.48 -15.76
CA GLY B 286 9.59 -0.09 -15.98
C GLY B 286 9.45 1.32 -16.53
N ILE B 287 10.13 2.28 -15.89
CA ILE B 287 10.10 3.65 -16.37
C ILE B 287 10.72 3.75 -17.75
N ASN B 288 11.73 2.91 -18.04
CA ASN B 288 12.31 2.90 -19.38
C ASN B 288 11.28 2.49 -20.42
N THR B 289 10.51 1.44 -20.13
CA THR B 289 9.45 1.03 -21.04
C THR B 289 8.45 2.15 -21.26
N TYR B 290 8.04 2.80 -20.17
CA TYR B 290 7.09 3.91 -20.30
C TYR B 290 7.67 5.03 -21.16
N GLY B 291 8.94 5.35 -20.98
CA GLY B 291 9.55 6.43 -21.74
C GLY B 291 9.67 6.11 -23.21
N TRP B 292 9.97 4.84 -23.54
CA TRP B 292 9.98 4.45 -24.94
C TRP B 292 8.58 4.52 -25.54
N ARG B 293 7.56 4.10 -24.79
CA ARG B 293 6.21 4.09 -25.33
C ARG B 293 5.70 5.51 -25.56
N GLN B 294 5.99 6.42 -24.65
CA GLN B 294 5.48 7.78 -24.75
C GLN B 294 6.27 8.67 -25.69
N ALA B 295 7.10 8.10 -26.56
CA ALA B 295 7.88 8.88 -27.50
C ALA B 295 7.92 8.27 -28.89
N GLY B 296 7.07 7.29 -29.18
CA GLY B 296 7.01 6.70 -30.51
C GLY B 296 8.29 6.04 -30.95
N VAL B 297 8.96 5.34 -30.04
CA VAL B 297 10.22 4.70 -30.39
C VAL B 297 9.99 3.39 -31.13
N ASN B 298 8.85 2.74 -30.90
CA ASN B 298 8.54 1.44 -31.51
C ASN B 298 9.54 0.38 -31.08
N HIS B 299 9.73 0.25 -29.76
CA HIS B 299 10.71 -0.69 -29.25
C HIS B 299 10.32 -2.13 -29.50
N VAL B 300 9.03 -2.43 -29.65
CA VAL B 300 8.62 -3.82 -29.85
C VAL B 300 9.16 -4.34 -31.18
N LEU B 301 9.23 -3.50 -32.20
CA LEU B 301 9.80 -3.92 -33.47
C LEU B 301 11.31 -4.07 -33.39
N ILE B 302 11.96 -3.31 -32.49
CA ILE B 302 13.40 -3.41 -32.36
C ILE B 302 13.80 -4.71 -31.68
N PHE B 303 13.17 -5.02 -30.55
CA PHE B 303 13.51 -6.22 -29.80
C PHE B 303 13.05 -7.50 -30.47
N GLU B 304 12.28 -7.42 -31.56
CA GLU B 304 11.64 -8.58 -32.19
C GLU B 304 10.75 -9.31 -31.18
N LEU B 305 9.71 -8.59 -30.76
CA LEU B 305 8.72 -9.12 -29.83
C LEU B 305 7.37 -9.27 -30.53
N ASN B 306 6.53 -10.09 -29.94
CA ASN B 306 5.20 -10.34 -30.48
C ASN B 306 4.38 -9.05 -30.41
N PRO B 307 3.86 -8.54 -31.53
CA PRO B 307 3.18 -7.24 -31.49
C PRO B 307 1.91 -7.23 -30.66
N ARG B 308 1.13 -8.32 -30.67
CA ARG B 308 -0.15 -8.31 -29.99
C ARG B 308 -0.01 -8.48 -28.48
N SER B 309 1.04 -9.16 -28.02
CA SER B 309 1.22 -9.42 -26.60
C SER B 309 2.60 -8.95 -26.17
N ASN B 310 2.64 -8.06 -25.19
CA ASN B 310 3.89 -7.55 -24.64
C ASN B 310 3.59 -6.88 -23.30
N LEU B 311 4.63 -6.77 -22.49
CA LEU B 311 4.49 -6.23 -21.13
C LEU B 311 4.56 -4.72 -21.16
N SER B 312 3.51 -4.07 -20.65
CA SER B 312 3.56 -2.63 -20.44
C SER B 312 4.28 -2.34 -19.13
N HIS B 313 4.43 -1.06 -18.81
CA HIS B 313 5.23 -0.70 -17.64
C HIS B 313 4.56 -1.15 -16.34
N GLN B 314 3.24 -1.25 -16.32
CA GLN B 314 2.55 -1.58 -15.07
C GLN B 314 2.90 -2.99 -14.60
N HIS B 315 3.04 -3.93 -15.53
CA HIS B 315 3.40 -5.29 -15.12
C HIS B 315 4.79 -5.34 -14.51
N LEU B 316 5.73 -4.58 -15.07
CA LEU B 316 7.07 -4.52 -14.50
C LEU B 316 7.04 -3.87 -13.11
N PHE B 317 6.28 -2.79 -12.97
CA PHE B 317 6.13 -2.16 -11.65
C PHE B 317 5.57 -3.16 -10.64
N GLU B 318 4.61 -3.97 -11.06
CA GLU B 318 3.98 -4.92 -10.15
C GLU B 318 4.94 -6.03 -9.74
N ILE B 319 5.68 -6.57 -10.71
CA ILE B 319 6.67 -7.61 -10.38
C ILE B 319 7.74 -7.06 -9.44
N ALA B 320 8.23 -5.86 -9.74
CA ALA B 320 9.24 -5.24 -8.88
C ALA B 320 8.70 -5.00 -7.48
N GLY B 321 7.43 -4.57 -7.37
CA GLY B 321 6.86 -4.35 -6.06
C GLY B 321 6.70 -5.63 -5.27
N PHE B 322 6.28 -6.71 -5.93
CA PHE B 322 6.14 -7.98 -5.23
C PHE B 322 7.49 -8.48 -4.73
N LEU B 323 8.51 -8.44 -5.60
CA LEU B 323 9.84 -8.85 -5.16
C LEU B 323 10.36 -7.96 -4.05
N GLY B 324 10.04 -6.67 -4.09
CA GLY B 324 10.47 -5.78 -3.02
C GLY B 324 9.80 -6.08 -1.70
N ILE B 325 8.51 -6.43 -1.73
CA ILE B 325 7.84 -6.84 -0.51
C ILE B 325 8.48 -8.09 0.06
N LEU B 326 8.76 -9.08 -0.80
CA LEU B 326 9.39 -10.30 -0.33
C LEU B 326 10.77 -10.02 0.28
N TRP B 327 11.55 -9.17 -0.38
CA TRP B 327 12.88 -8.84 0.10
C TRP B 327 12.82 -8.11 1.44
N CYS B 328 11.92 -7.13 1.55
CA CYS B 328 11.79 -6.39 2.80
C CYS B 328 11.35 -7.30 3.93
N LEU B 329 10.42 -8.23 3.66
CA LEU B 329 10.01 -9.17 4.69
C LEU B 329 11.16 -10.05 5.12
N SER B 330 11.92 -10.58 4.16
CA SER B 330 13.02 -11.47 4.51
C SER B 330 14.11 -10.74 5.27
N LEU B 331 14.31 -9.46 5.01
CA LEU B 331 15.30 -8.71 5.77
C LEU B 331 14.77 -8.35 7.16
N LEU B 332 13.49 -7.99 7.26
CA LEU B 332 12.91 -7.70 8.56
C LEU B 332 12.88 -8.93 9.45
N ALA B 333 12.80 -10.12 8.86
CA ALA B 333 12.76 -11.33 9.65
C ALA B 333 14.11 -11.70 10.26
N CYS B 334 15.19 -11.03 9.88
CA CYS B 334 16.48 -11.30 10.49
C CYS B 334 16.83 -10.35 11.61
N PHE B 335 16.29 -9.13 11.59
CA PHE B 335 16.55 -8.19 12.68
C PHE B 335 15.85 -8.64 13.95
N PHE B 336 14.52 -8.72 13.91
CA PHE B 336 13.79 -9.20 15.08
C PHE B 336 14.01 -10.67 15.34
N ALA B 337 14.14 -11.46 14.27
CA ALA B 337 14.21 -12.91 14.35
C ALA B 337 13.11 -13.51 15.23
N PRO B 338 11.84 -13.11 15.03
CA PRO B 338 10.78 -13.68 15.87
C PRO B 338 10.40 -15.06 15.37
N ILE B 339 10.93 -16.08 16.04
CA ILE B 339 10.78 -17.44 15.57
C ILE B 339 11.25 -18.40 16.67
N SER B 340 10.88 -19.67 16.55
CA SER B 340 11.38 -20.71 17.45
C SER B 340 12.81 -21.06 17.11
N VAL B 341 13.28 -22.19 17.63
CA VAL B 341 14.70 -22.58 17.63
C VAL B 341 15.33 -22.53 16.24
N ILE B 342 14.52 -22.49 15.18
CA ILE B 342 15.11 -22.49 13.84
C ILE B 342 15.99 -21.26 13.68
N PRO B 343 17.13 -21.38 13.00
CA PRO B 343 18.12 -20.30 13.02
C PRO B 343 17.70 -19.12 12.16
N THR B 344 18.56 -18.10 12.16
CA THR B 344 18.28 -16.89 11.40
C THR B 344 18.83 -16.94 9.99
N TYR B 345 19.78 -17.84 9.71
CA TYR B 345 20.42 -17.88 8.41
C TYR B 345 19.60 -18.59 7.35
N VAL B 346 18.31 -18.79 7.58
CA VAL B 346 17.47 -19.42 6.57
C VAL B 346 16.84 -18.39 5.64
N TYR B 347 16.47 -17.23 6.17
CA TYR B 347 15.76 -16.21 5.40
C TYR B 347 16.57 -15.69 4.21
N PRO B 348 17.88 -15.40 4.36
CA PRO B 348 18.65 -15.00 3.17
C PRO B 348 18.65 -16.06 2.10
N LEU B 349 18.65 -17.33 2.47
CA LEU B 349 18.61 -18.39 1.46
C LEU B 349 17.22 -18.49 0.84
N ALA B 350 16.20 -18.76 1.65
CA ALA B 350 14.85 -18.99 1.15
C ALA B 350 14.42 -17.90 0.17
N LEU B 351 14.65 -16.63 0.53
CA LEU B 351 14.32 -15.52 -0.38
C LEU B 351 14.83 -15.80 -1.78
N TYR B 352 16.15 -15.97 -1.92
CA TYR B 352 16.70 -16.21 -3.25
C TYR B 352 16.13 -17.48 -3.85
N GLY B 353 15.90 -18.50 -3.03
CA GLY B 353 15.25 -19.69 -3.54
C GLY B 353 13.95 -19.37 -4.24
N PHE B 354 13.10 -18.58 -3.59
CA PHE B 354 11.87 -18.14 -4.24
C PHE B 354 12.18 -17.41 -5.55
N MET B 355 13.15 -16.49 -5.51
CA MET B 355 13.47 -15.73 -6.70
C MET B 355 13.92 -16.64 -7.83
N VAL B 356 14.38 -17.85 -7.51
CA VAL B 356 14.67 -18.83 -8.55
C VAL B 356 13.41 -19.62 -8.89
N PHE B 357 12.70 -20.11 -7.88
CA PHE B 357 11.54 -20.95 -8.12
C PHE B 357 10.35 -20.16 -8.63
N PHE B 358 10.48 -18.85 -8.76
CA PHE B 358 9.51 -18.02 -9.47
C PHE B 358 9.89 -17.78 -10.91
N LEU B 359 11.18 -17.89 -11.24
CA LEU B 359 11.64 -17.61 -12.59
C LEU B 359 11.51 -18.83 -13.50
N ILE B 360 11.81 -20.01 -12.98
CA ILE B 360 11.79 -21.24 -13.77
C ILE B 360 10.51 -22.03 -13.55
N ASN B 361 9.45 -21.38 -13.11
CA ASN B 361 8.20 -22.06 -12.82
C ASN B 361 7.62 -22.66 -14.10
N PRO B 362 7.46 -23.99 -14.17
CA PRO B 362 6.98 -24.59 -15.43
C PRO B 362 5.50 -24.40 -15.68
N THR B 363 4.71 -24.08 -14.66
CA THR B 363 3.27 -23.90 -14.86
C THR B 363 3.00 -22.68 -15.73
N LYS B 364 1.75 -22.56 -16.15
CA LYS B 364 1.31 -21.42 -16.98
C LYS B 364 0.67 -20.34 -16.10
N THR B 365 1.45 -19.85 -15.15
CA THR B 365 0.97 -18.86 -14.19
C THR B 365 2.05 -17.83 -13.92
N PHE B 366 1.62 -16.63 -13.53
CA PHE B 366 2.52 -15.55 -13.13
C PHE B 366 3.48 -15.20 -14.26
N TYR B 367 2.90 -14.70 -15.35
CA TYR B 367 3.64 -14.28 -16.54
C TYR B 367 4.48 -15.42 -17.10
N TYR B 368 3.79 -16.48 -17.52
CA TYR B 368 4.49 -17.60 -18.14
C TYR B 368 4.96 -17.26 -19.55
N LYS B 369 4.28 -16.32 -20.22
CA LYS B 369 4.70 -15.93 -21.56
C LYS B 369 5.97 -15.10 -21.54
N SER B 370 6.30 -14.48 -20.41
CA SER B 370 7.45 -13.60 -20.31
C SER B 370 8.70 -14.36 -19.91
N ARG B 371 8.63 -15.11 -18.80
CA ARG B 371 9.81 -15.77 -18.28
C ARG B 371 10.37 -16.80 -19.25
N PHE B 372 9.55 -17.37 -20.13
CA PHE B 372 10.07 -18.32 -21.10
C PHE B 372 10.97 -17.64 -22.12
N TRP B 373 10.51 -16.51 -22.67
CA TRP B 373 11.37 -15.73 -23.55
C TRP B 373 12.61 -15.23 -22.81
N LEU B 374 12.45 -14.82 -21.56
CA LEU B 374 13.60 -14.36 -20.79
C LEU B 374 14.62 -15.47 -20.62
N LEU B 375 14.17 -16.69 -20.35
CA LEU B 375 15.11 -17.80 -20.16
C LEU B 375 15.76 -18.21 -21.47
N LYS B 376 15.01 -18.22 -22.57
CA LYS B 376 15.63 -18.50 -23.87
C LYS B 376 16.71 -17.47 -24.17
N LEU B 377 16.41 -16.19 -23.96
CA LEU B 377 17.40 -15.14 -24.21
C LEU B 377 18.61 -15.29 -23.29
N LEU B 378 18.38 -15.56 -22.01
CA LEU B 378 19.47 -15.71 -21.06
C LEU B 378 20.34 -16.92 -21.39
N PHE B 379 19.75 -17.96 -21.96
CA PHE B 379 20.57 -19.10 -22.38
C PHE B 379 21.37 -18.77 -23.63
N ARG B 380 20.77 -18.03 -24.57
CA ARG B 380 21.50 -17.68 -25.78
C ARG B 380 22.61 -16.67 -25.49
N VAL B 381 22.48 -15.89 -24.42
CA VAL B 381 23.50 -14.89 -24.10
C VAL B 381 24.64 -15.51 -23.32
N PHE B 382 24.30 -16.34 -22.33
CA PHE B 382 25.27 -16.89 -21.38
C PHE B 382 26.08 -18.02 -21.96
N THR B 383 26.09 -18.18 -23.28
CA THR B 383 26.76 -19.31 -23.91
C THR B 383 27.78 -18.83 -24.93
N ALA B 384 28.35 -19.80 -25.63
CA ALA B 384 29.42 -19.61 -26.62
C ALA B 384 28.95 -18.74 -27.77
N PRO B 385 29.84 -18.32 -28.68
CA PRO B 385 29.40 -17.52 -29.82
C PRO B 385 28.71 -18.35 -30.90
N PHE B 386 28.30 -19.57 -30.55
CA PHE B 386 27.64 -20.45 -31.50
C PHE B 386 26.35 -19.86 -32.04
N HIS B 387 25.73 -18.92 -31.33
CA HIS B 387 24.46 -18.36 -31.74
C HIS B 387 24.65 -17.01 -32.43
N LYS B 388 23.81 -16.75 -33.42
CA LYS B 388 23.84 -15.46 -34.09
C LYS B 388 23.41 -14.36 -33.12
N VAL B 389 23.99 -13.19 -33.29
CA VAL B 389 23.78 -12.07 -32.39
C VAL B 389 22.65 -11.20 -32.90
N GLY B 390 21.64 -10.99 -32.05
CA GLY B 390 20.56 -10.07 -32.36
C GLY B 390 20.49 -9.00 -31.30
N PHE B 391 19.62 -8.01 -31.53
CA PHE B 391 19.58 -6.86 -30.64
C PHE B 391 19.27 -7.24 -29.20
N ALA B 392 18.39 -8.21 -28.99
CA ALA B 392 18.08 -8.61 -27.61
C ALA B 392 19.30 -9.22 -26.94
N ASP B 393 20.04 -10.05 -27.65
CA ASP B 393 21.25 -10.65 -27.09
C ASP B 393 22.24 -9.59 -26.67
N PHE B 394 22.57 -8.67 -27.59
CA PHE B 394 23.52 -7.62 -27.29
C PHE B 394 23.04 -6.76 -26.14
N TRP B 395 21.74 -6.44 -26.13
CA TRP B 395 21.22 -5.55 -25.11
C TRP B 395 21.30 -6.18 -23.73
N LEU B 396 20.88 -7.43 -23.59
CA LEU B 396 20.95 -8.07 -22.28
C LEU B 396 22.39 -8.29 -21.85
N ALA B 397 23.26 -8.67 -22.79
CA ALA B 397 24.66 -8.88 -22.44
C ALA B 397 25.29 -7.59 -21.97
N ASP B 398 24.88 -6.45 -22.53
CA ASP B 398 25.44 -5.18 -22.09
C ASP B 398 24.83 -4.74 -20.77
N GLN B 399 23.55 -5.05 -20.55
CA GLN B 399 22.94 -4.73 -19.26
C GLN B 399 23.61 -5.50 -18.14
N LEU B 400 24.03 -6.74 -18.41
CA LEU B 400 24.78 -7.49 -17.42
C LEU B 400 26.10 -6.80 -17.06
N ASN B 401 26.67 -6.06 -18.01
CA ASN B 401 28.00 -5.49 -17.79
C ASN B 401 27.98 -4.47 -16.67
N SER B 402 26.92 -3.67 -16.59
CA SER B 402 26.75 -2.70 -15.51
C SER B 402 25.90 -3.24 -14.37
N LEU B 403 25.92 -4.56 -14.17
CA LEU B 403 25.11 -5.20 -13.15
C LEU B 403 25.91 -6.28 -12.43
N SER B 404 27.24 -6.20 -12.49
CA SER B 404 28.11 -7.26 -12.02
C SER B 404 28.22 -7.32 -10.50
N VAL B 405 27.41 -6.53 -9.78
CA VAL B 405 27.44 -6.62 -8.33
C VAL B 405 26.61 -7.78 -7.83
N ILE B 406 25.58 -8.18 -8.58
CA ILE B 406 24.79 -9.34 -8.19
C ILE B 406 25.63 -10.62 -8.27
N LEU B 407 26.39 -10.77 -9.35
CA LEU B 407 27.23 -11.97 -9.49
C LEU B 407 28.26 -12.06 -8.36
N MET B 408 28.97 -10.96 -8.09
CA MET B 408 29.96 -10.96 -7.03
C MET B 408 29.34 -11.20 -5.66
N ASP B 409 28.15 -10.61 -5.53
CA ASP B 409 27.45 -10.58 -4.23
C ASP B 409 26.50 -11.76 -4.16
N LEU B 410 26.68 -12.71 -5.02
CA LEU B 410 26.12 -14.04 -4.94
C LEU B 410 27.23 -15.06 -4.69
N GLU B 411 28.35 -14.91 -5.40
CA GLU B 411 29.52 -15.71 -5.07
C GLU B 411 29.93 -15.50 -3.62
N TYR B 412 29.78 -14.27 -3.11
CA TYR B 412 30.07 -14.01 -1.71
C TYR B 412 29.19 -14.86 -0.81
N MET B 413 27.89 -14.88 -1.09
CA MET B 413 26.99 -15.69 -0.26
C MET B 413 27.38 -17.16 -0.33
N ILE B 414 27.70 -17.66 -1.52
CA ILE B 414 28.07 -19.06 -1.65
C ILE B 414 29.32 -19.37 -0.85
N CYS B 415 30.39 -18.60 -1.05
CA CYS B 415 31.65 -18.81 -0.35
C CYS B 415 31.53 -18.58 1.14
N PHE B 416 30.55 -17.80 1.59
CA PHE B 416 30.37 -17.57 3.01
C PHE B 416 29.63 -18.74 3.67
N TYR B 417 28.53 -19.17 3.05
CA TYR B 417 27.84 -20.35 3.56
C TYR B 417 28.69 -21.60 3.43
N SER B 418 29.72 -21.58 2.58
CA SER B 418 30.54 -22.76 2.39
C SER B 418 31.42 -23.03 3.62
N LEU B 419 32.27 -22.07 3.97
CA LEU B 419 33.31 -22.35 4.95
C LEU B 419 33.48 -21.23 5.97
N GLU B 420 32.41 -20.50 6.27
CA GLU B 420 32.52 -19.41 7.24
C GLU B 420 31.39 -19.34 8.25
N LEU B 421 30.29 -20.07 8.06
CA LEU B 421 29.14 -20.01 8.95
C LEU B 421 29.05 -21.29 9.76
N LYS B 422 29.19 -21.16 11.07
CA LYS B 422 29.05 -22.31 11.96
C LYS B 422 27.56 -22.56 12.17
N TRP B 423 27.07 -23.70 11.66
CA TRP B 423 25.64 -23.98 11.70
C TRP B 423 25.14 -24.20 13.13
N ASP B 424 26.02 -24.65 14.04
CA ASP B 424 25.58 -24.95 15.39
C ASP B 424 25.09 -23.69 16.11
N GLU B 425 25.74 -22.56 15.87
CA GLU B 425 25.31 -21.31 16.46
C GLU B 425 24.05 -20.82 15.73
N SER B 426 22.97 -20.64 16.49
CA SER B 426 21.69 -20.23 15.90
C SER B 426 21.62 -18.73 15.64
N LYS B 427 22.74 -18.02 15.71
CA LYS B 427 22.79 -16.61 15.36
C LYS B 427 24.01 -16.30 14.48
N GLY B 428 24.54 -17.31 13.79
CA GLY B 428 25.78 -17.16 13.07
C GLY B 428 25.71 -16.23 11.88
N LEU B 429 24.51 -15.92 11.39
CA LEU B 429 24.37 -15.01 10.27
C LEU B 429 25.08 -13.70 10.54
N LEU B 430 24.97 -13.20 11.76
CA LEU B 430 25.87 -12.17 12.24
C LEU B 430 27.06 -12.85 12.92
N PRO B 431 28.30 -12.55 12.52
CA PRO B 431 29.44 -13.29 13.07
C PRO B 431 29.54 -13.17 14.57
N ASN B 432 30.27 -14.10 15.18
CA ASN B 432 30.33 -14.25 16.62
C ASN B 432 31.28 -13.26 17.29
N ASN B 433 31.70 -12.21 16.61
CA ASN B 433 32.61 -11.23 17.19
C ASN B 433 32.29 -9.86 16.63
N SER B 434 32.96 -8.84 17.16
CA SER B 434 32.79 -7.48 16.70
C SER B 434 33.52 -7.24 15.39
N SER B 437 35.86 -10.77 10.27
CA SER B 437 36.83 -10.80 9.18
C SER B 437 36.74 -12.11 8.41
N GLY B 438 37.80 -12.92 8.46
CA GLY B 438 37.81 -14.20 7.79
C GLY B 438 38.08 -14.10 6.30
N ILE B 439 38.51 -15.19 5.69
CA ILE B 439 38.84 -15.20 4.27
C ILE B 439 37.57 -15.49 3.48
N CYS B 440 36.80 -14.45 3.21
CA CYS B 440 35.61 -14.64 2.40
C CYS B 440 35.50 -13.62 1.28
N HIS B 441 35.96 -12.38 1.50
CA HIS B 441 35.78 -11.29 0.56
C HIS B 441 37.06 -10.94 -0.20
N LYS B 442 38.22 -11.08 0.44
CA LYS B 442 39.47 -10.64 -0.17
C LYS B 442 39.80 -11.46 -1.40
N TYR B 443 40.52 -10.83 -2.33
CA TYR B 443 41.02 -11.54 -3.52
C TYR B 443 42.11 -12.50 -3.08
N THR B 444 41.77 -13.78 -2.99
CA THR B 444 42.71 -14.79 -2.50
C THR B 444 43.11 -15.78 -3.57
N TYR B 445 42.15 -16.45 -4.20
CA TYR B 445 42.46 -17.42 -5.26
C TYR B 445 41.94 -16.96 -6.61
N GLY B 446 41.66 -15.67 -6.77
CA GLY B 446 41.21 -15.12 -8.02
C GLY B 446 39.78 -15.42 -8.39
N VAL B 447 39.08 -16.26 -7.62
CA VAL B 447 37.68 -16.57 -7.93
C VAL B 447 36.85 -15.30 -8.00
N ARG B 448 37.00 -14.43 -7.00
CA ARG B 448 36.33 -13.14 -7.07
C ARG B 448 36.83 -12.32 -8.26
N ALA B 449 38.14 -12.32 -8.49
CA ALA B 449 38.69 -11.58 -9.61
C ALA B 449 38.21 -12.14 -10.93
N ILE B 450 38.07 -13.46 -11.03
CA ILE B 450 37.56 -14.07 -12.25
C ILE B 450 36.11 -13.67 -12.48
N VAL B 451 35.25 -13.90 -11.48
CA VAL B 451 33.85 -13.58 -11.59
C VAL B 451 33.61 -12.07 -11.72
N GLN B 452 34.61 -11.25 -11.42
CA GLN B 452 34.45 -9.81 -11.59
C GLN B 452 34.11 -9.45 -13.03
N CYS B 453 34.65 -10.18 -14.00
CA CYS B 453 34.31 -9.95 -15.41
C CYS B 453 33.91 -11.27 -16.05
N ILE B 454 32.68 -11.68 -15.80
CA ILE B 454 31.96 -12.63 -16.65
C ILE B 454 31.28 -11.89 -17.79
N PRO B 455 30.55 -10.79 -17.53
CA PRO B 455 29.87 -10.11 -18.65
C PRO B 455 30.81 -9.51 -19.67
N ALA B 456 31.95 -8.96 -19.23
CA ALA B 456 32.93 -8.46 -20.17
C ALA B 456 33.37 -9.54 -21.14
N TRP B 457 33.56 -10.76 -20.63
CA TRP B 457 33.90 -11.89 -21.49
C TRP B 457 32.81 -12.14 -22.52
N LEU B 458 31.55 -12.09 -22.10
CA LEU B 458 30.44 -12.35 -23.01
C LEU B 458 30.40 -11.30 -24.11
N ARG B 459 30.51 -10.02 -23.75
CA ARG B 459 30.47 -8.98 -24.77
C ARG B 459 31.66 -9.06 -25.71
N PHE B 460 32.85 -9.35 -25.17
CA PHE B 460 34.03 -9.52 -26.01
C PHE B 460 33.80 -10.63 -27.04
N ILE B 461 33.32 -11.79 -26.57
CA ILE B 461 33.12 -12.92 -27.47
C ILE B 461 32.04 -12.59 -28.51
N GLN B 462 30.99 -11.89 -28.09
CA GLN B 462 29.93 -11.56 -29.03
C GLN B 462 30.42 -10.61 -30.12
N CYS B 463 31.26 -9.64 -29.75
CA CYS B 463 31.83 -8.75 -30.75
C CYS B 463 32.71 -9.54 -31.71
N LEU B 464 33.52 -10.46 -31.18
CA LEU B 464 34.34 -11.29 -32.05
C LEU B 464 33.48 -12.09 -33.03
N ARG B 465 32.37 -12.64 -32.55
CA ARG B 465 31.49 -13.42 -33.42
C ARG B 465 30.86 -12.55 -34.49
N ARG B 466 30.41 -11.34 -34.12
CA ARG B 466 29.83 -10.44 -35.11
C ARG B 466 30.84 -10.09 -36.19
N TYR B 467 32.10 -9.88 -35.80
CA TYR B 467 33.13 -9.64 -36.80
C TYR B 467 33.33 -10.86 -37.69
N ARG B 468 33.45 -12.03 -37.08
CA ARG B 468 33.64 -13.26 -37.83
C ARG B 468 32.54 -13.46 -38.86
N ASP B 469 31.33 -13.04 -38.54
CA ASP B 469 30.20 -13.25 -39.44
C ASP B 469 29.96 -12.10 -40.41
N THR B 470 30.53 -10.92 -40.17
CA THR B 470 30.25 -9.79 -41.05
C THR B 470 31.52 -9.26 -41.74
N LYS B 471 32.68 -9.57 -41.17
CA LYS B 471 34.00 -9.25 -41.72
C LYS B 471 34.29 -7.75 -41.78
N ARG B 472 33.44 -6.91 -41.19
CA ARG B 472 33.73 -5.48 -41.07
C ARG B 472 34.50 -5.27 -39.76
N ALA B 473 35.71 -4.73 -39.87
CA ALA B 473 36.62 -4.73 -38.74
C ALA B 473 36.33 -3.61 -37.75
N PHE B 474 36.06 -2.41 -38.24
CA PHE B 474 36.08 -1.21 -37.41
C PHE B 474 35.16 -1.33 -36.19
N PRO B 475 33.83 -1.41 -36.36
CA PRO B 475 32.97 -1.24 -35.18
C PRO B 475 33.16 -2.34 -34.16
N HIS B 476 33.09 -3.60 -34.58
CA HIS B 476 33.13 -4.72 -33.65
C HIS B 476 34.52 -4.92 -33.07
N LEU B 477 35.57 -4.68 -33.86
CA LEU B 477 36.92 -4.82 -33.32
C LEU B 477 37.20 -3.74 -32.27
N VAL B 478 36.84 -2.49 -32.55
CA VAL B 478 37.04 -1.46 -31.55
C VAL B 478 36.16 -1.71 -30.33
N ASN B 479 34.98 -2.28 -30.55
CA ASN B 479 34.12 -2.65 -29.43
C ASN B 479 34.82 -3.67 -28.52
N ALA B 480 35.38 -4.72 -29.11
CA ALA B 480 36.10 -5.73 -28.31
C ALA B 480 37.28 -5.10 -27.60
N GLY B 481 37.96 -4.16 -28.27
CA GLY B 481 39.00 -3.41 -27.61
C GLY B 481 38.50 -2.66 -26.39
N LYS B 482 37.27 -2.16 -26.45
CA LYS B 482 36.72 -1.44 -25.32
C LYS B 482 36.56 -2.34 -24.10
N TYR B 483 36.22 -3.61 -24.32
CA TYR B 483 36.01 -4.51 -23.19
C TYR B 483 37.30 -5.16 -22.70
N SER B 484 38.32 -5.27 -23.55
CA SER B 484 39.58 -5.85 -23.09
C SER B 484 40.20 -5.01 -21.96
N THR B 485 39.96 -3.70 -21.98
CA THR B 485 40.48 -2.86 -20.91
C THR B 485 39.91 -3.25 -19.56
N THR B 486 38.70 -3.82 -19.54
CA THR B 486 38.15 -4.31 -18.28
C THR B 486 38.98 -5.46 -17.74
N PHE B 487 39.31 -6.44 -18.60
CA PHE B 487 40.23 -7.50 -18.20
C PHE B 487 41.50 -6.91 -17.60
N PHE B 488 42.10 -5.96 -18.31
CA PHE B 488 43.38 -5.41 -17.86
C PHE B 488 43.25 -4.73 -16.51
N MET B 489 42.27 -3.83 -16.36
CA MET B 489 42.10 -3.11 -15.10
C MET B 489 41.82 -4.07 -13.96
N VAL B 490 40.97 -5.07 -14.19
CA VAL B 490 40.61 -6.01 -13.12
C VAL B 490 41.83 -6.80 -12.68
N THR B 491 42.59 -7.35 -13.63
CA THR B 491 43.73 -8.17 -13.24
C THR B 491 44.79 -7.34 -12.54
N PHE B 492 45.00 -6.09 -12.99
CA PHE B 492 46.00 -5.27 -12.32
C PHE B 492 45.56 -4.91 -10.91
N ALA B 493 44.30 -4.52 -10.74
CA ALA B 493 43.82 -4.19 -9.40
C ALA B 493 43.92 -5.39 -8.47
N ALA B 494 43.52 -6.57 -8.95
CA ALA B 494 43.58 -7.76 -8.11
C ALA B 494 45.01 -8.10 -7.74
N LEU B 495 45.94 -8.03 -8.70
CA LEU B 495 47.32 -8.36 -8.40
C LEU B 495 47.92 -7.38 -7.40
N TYR B 496 47.59 -6.10 -7.53
CA TYR B 496 48.10 -5.12 -6.57
C TYR B 496 47.55 -5.39 -5.18
N SER B 497 46.23 -5.61 -5.07
CA SER B 497 45.65 -5.86 -3.76
C SER B 497 46.18 -7.14 -3.14
N THR B 498 46.55 -8.12 -3.96
CA THR B 498 47.05 -9.38 -3.40
C THR B 498 48.52 -9.26 -3.00
N HIS B 499 49.32 -8.55 -3.80
CA HIS B 499 50.72 -8.39 -3.46
C HIS B 499 50.94 -7.42 -2.32
N LYS B 500 49.96 -6.57 -2.02
CA LYS B 500 50.06 -5.71 -0.85
C LYS B 500 50.18 -6.54 0.43
N GLU B 501 49.47 -7.68 0.48
CA GLU B 501 49.48 -8.49 1.69
C GLU B 501 50.87 -9.05 1.98
N ARG B 502 51.46 -9.74 1.00
CA ARG B 502 52.81 -10.27 1.18
C ARG B 502 53.87 -9.20 1.33
N GLY B 503 53.53 -7.94 1.04
CA GLY B 503 54.50 -6.86 1.13
C GLY B 503 55.62 -7.02 0.12
N HIS B 504 55.27 -7.29 -1.13
CA HIS B 504 56.27 -7.48 -2.16
C HIS B 504 56.97 -6.15 -2.46
N SER B 505 57.92 -6.19 -3.40
CA SER B 505 58.73 -5.01 -3.66
C SER B 505 57.94 -3.95 -4.42
N ASP B 506 57.45 -4.27 -5.61
CA ASP B 506 56.86 -3.28 -6.50
C ASP B 506 55.38 -3.05 -6.23
N THR B 507 55.02 -2.88 -4.95
CA THR B 507 53.64 -2.56 -4.63
C THR B 507 53.29 -1.14 -5.04
N MET B 508 54.31 -0.30 -5.22
CA MET B 508 54.09 1.02 -5.82
C MET B 508 53.87 0.92 -7.31
N VAL B 509 54.40 -0.11 -7.95
CA VAL B 509 54.23 -0.26 -9.40
C VAL B 509 52.85 -0.79 -9.73
N PHE B 510 52.46 -1.90 -9.08
CA PHE B 510 51.15 -2.47 -9.33
C PHE B 510 50.02 -1.55 -8.86
N PHE B 511 50.31 -0.59 -7.98
CA PHE B 511 49.32 0.44 -7.69
C PHE B 511 49.29 1.48 -8.79
N TYR B 512 50.45 1.83 -9.34
CA TYR B 512 50.49 2.82 -10.41
C TYR B 512 49.81 2.29 -11.67
N LEU B 513 50.29 1.15 -12.17
CA LEU B 513 49.80 0.61 -13.44
C LEU B 513 48.30 0.41 -13.44
N TRP B 514 47.75 -0.13 -12.35
CA TRP B 514 46.30 -0.23 -12.21
C TRP B 514 45.65 1.11 -12.51
N ILE B 515 46.06 2.15 -11.80
CA ILE B 515 45.49 3.47 -12.00
C ILE B 515 45.57 3.88 -13.46
N VAL B 516 46.65 3.50 -14.15
CA VAL B 516 46.76 3.80 -15.57
C VAL B 516 45.60 3.18 -16.34
N PHE B 517 45.43 1.87 -16.21
CA PHE B 517 44.43 1.17 -17.01
C PHE B 517 43.03 1.67 -16.70
N TYR B 518 42.65 1.68 -15.43
CA TYR B 518 41.37 2.23 -15.03
C TYR B 518 41.17 3.64 -15.57
N ILE B 519 42.24 4.39 -15.82
CA ILE B 519 42.07 5.66 -16.53
C ILE B 519 41.66 5.42 -17.97
N ILE B 520 42.52 4.76 -18.75
CA ILE B 520 42.26 4.68 -20.18
C ILE B 520 40.97 3.93 -20.45
N SER B 521 40.74 2.81 -19.76
CA SER B 521 39.46 2.13 -19.84
C SER B 521 38.30 3.10 -19.74
N SER B 522 38.28 3.91 -18.68
CA SER B 522 37.20 4.87 -18.51
C SER B 522 37.03 5.72 -19.77
N CYS B 523 38.11 6.33 -20.25
CA CYS B 523 38.02 7.11 -21.47
C CYS B 523 37.53 6.25 -22.63
N TYR B 524 38.12 5.07 -22.80
CA TYR B 524 37.71 4.17 -23.88
C TYR B 524 36.21 3.89 -23.82
N THR B 525 35.64 3.91 -22.61
CA THR B 525 34.20 3.73 -22.54
C THR B 525 33.47 5.03 -22.78
N LEU B 526 33.92 6.12 -22.17
CA LEU B 526 33.14 7.35 -22.16
C LEU B 526 32.89 7.86 -23.57
N ILE B 527 33.95 7.99 -24.38
CA ILE B 527 33.78 8.40 -25.76
C ILE B 527 32.78 7.50 -26.47
N TRP B 528 32.89 6.18 -26.26
CA TRP B 528 32.03 5.25 -26.96
C TRP B 528 30.58 5.41 -26.53
N ASP B 529 30.33 5.97 -25.35
CA ASP B 529 28.95 6.18 -24.92
C ASP B 529 28.33 7.36 -25.65
N LEU B 530 29.16 8.28 -26.14
CA LEU B 530 28.64 9.49 -26.75
C LEU B 530 28.77 9.48 -28.27
N LYS B 531 29.88 8.93 -28.78
CA LYS B 531 30.13 8.98 -30.22
C LYS B 531 29.33 7.90 -30.95
N MET B 532 29.46 6.65 -30.52
CA MET B 532 28.86 5.54 -31.24
C MET B 532 27.56 5.05 -30.64
N ASP B 533 27.46 5.00 -29.31
CA ASP B 533 26.23 4.52 -28.68
C ASP B 533 25.08 5.49 -28.90
N TRP B 534 25.22 6.73 -28.40
CA TRP B 534 24.17 7.72 -28.57
C TRP B 534 24.31 8.45 -29.91
N GLY B 535 25.49 9.01 -30.16
CA GLY B 535 25.74 9.71 -31.41
C GLY B 535 25.45 11.19 -31.31
N LEU B 536 25.88 11.82 -30.22
CA LEU B 536 25.51 13.21 -29.97
C LEU B 536 26.48 14.17 -30.65
N PHE B 537 27.78 13.98 -30.45
CA PHE B 537 28.75 14.91 -31.01
C PHE B 537 28.86 14.71 -32.52
N ASP B 538 27.84 15.13 -33.25
CA ASP B 538 27.78 14.93 -34.70
C ASP B 538 28.32 16.14 -35.42
N LYS B 539 28.82 15.92 -36.64
CA LYS B 539 29.40 17.01 -37.41
C LYS B 539 28.35 18.02 -37.83
N ASN B 540 27.20 17.54 -38.29
CA ASN B 540 26.13 18.42 -38.75
C ASN B 540 25.20 18.74 -37.58
N ALA B 541 24.03 19.30 -37.89
CA ALA B 541 23.04 19.69 -36.89
C ALA B 541 23.59 20.74 -35.94
N GLY B 542 24.12 21.82 -36.51
CA GLY B 542 24.67 22.89 -35.70
C GLY B 542 23.64 23.60 -34.86
N GLU B 543 22.39 23.62 -35.31
CA GLU B 543 21.33 24.30 -34.55
C GLU B 543 21.05 23.58 -33.24
N ASN B 544 21.17 22.25 -33.22
CA ASN B 544 20.90 21.49 -32.01
C ASN B 544 22.07 21.50 -31.03
N THR B 545 23.19 22.13 -31.38
CA THR B 545 24.30 22.39 -30.46
C THR B 545 24.85 21.08 -29.87
N PHE B 546 25.49 20.31 -30.75
CA PHE B 546 26.20 19.08 -30.41
C PHE B 546 25.24 17.92 -30.12
N LEU B 547 24.09 17.91 -30.79
CA LEU B 547 23.17 16.79 -30.74
C LEU B 547 22.95 16.27 -32.16
N ARG B 548 22.00 15.35 -32.30
CA ARG B 548 21.66 14.86 -33.62
C ARG B 548 20.78 15.86 -34.34
N GLU B 549 20.53 15.58 -35.62
CA GLU B 549 19.68 16.48 -36.41
C GLU B 549 18.20 16.22 -36.13
N GLU B 550 17.84 14.97 -35.85
CA GLU B 550 16.46 14.59 -35.53
C GLU B 550 16.47 13.96 -34.14
N ILE B 551 15.99 14.70 -33.14
CA ILE B 551 15.85 14.20 -31.79
C ILE B 551 14.39 13.84 -31.56
N VAL B 552 14.14 13.01 -30.56
CA VAL B 552 12.82 12.48 -30.29
C VAL B 552 12.23 13.04 -29.01
N TYR B 553 13.02 13.06 -27.95
CA TYR B 553 12.51 13.45 -26.64
C TYR B 553 12.14 14.94 -26.64
N PRO B 554 11.11 15.32 -25.87
CA PRO B 554 10.53 16.65 -26.02
C PRO B 554 11.50 17.78 -25.69
N GLN B 555 12.06 17.77 -24.48
CA GLN B 555 12.87 18.88 -23.99
C GLN B 555 14.34 18.59 -24.28
N LYS B 556 15.00 19.52 -24.98
CA LYS B 556 16.40 19.33 -25.34
C LYS B 556 17.31 19.30 -24.12
N ALA B 557 17.08 20.19 -23.16
CA ALA B 557 17.96 20.31 -21.99
C ALA B 557 18.31 18.96 -21.39
N TYR B 558 17.34 18.02 -21.36
CA TYR B 558 17.60 16.68 -20.86
C TYR B 558 18.94 16.16 -21.31
N TYR B 559 19.14 16.06 -22.64
CA TYR B 559 20.39 15.52 -23.17
C TYR B 559 21.60 16.07 -22.44
N TYR B 560 21.68 17.40 -22.33
CA TYR B 560 22.86 18.02 -21.72
C TYR B 560 23.15 17.43 -20.35
N CYS B 561 22.15 17.44 -19.46
CA CYS B 561 22.37 16.88 -18.13
C CYS B 561 22.91 15.46 -18.22
N ALA B 562 22.27 14.62 -19.04
CA ALA B 562 22.75 13.26 -19.20
C ALA B 562 24.24 13.23 -19.49
N ILE B 563 24.68 14.02 -20.47
CA ILE B 563 26.09 14.06 -20.82
C ILE B 563 26.92 14.29 -19.56
N ILE B 564 26.65 15.38 -18.84
CA ILE B 564 27.40 15.68 -17.62
C ILE B 564 27.32 14.49 -16.68
N GLU B 565 26.12 13.98 -16.45
CA GLU B 565 25.97 12.83 -15.57
C GLU B 565 26.79 11.65 -16.08
N ASP B 566 26.70 11.37 -17.38
CA ASP B 566 27.43 10.22 -17.92
C ASP B 566 28.93 10.46 -17.86
N VAL B 567 29.35 11.72 -17.76
CA VAL B 567 30.76 11.98 -17.59
C VAL B 567 31.17 11.73 -16.14
N ILE B 568 30.29 12.06 -15.20
CA ILE B 568 30.62 11.88 -13.79
C ILE B 568 30.56 10.40 -13.42
N LEU B 569 29.38 9.80 -13.57
CA LEU B 569 29.13 8.45 -13.09
C LEU B 569 29.90 7.38 -13.84
N ARG B 570 30.57 7.72 -14.94
CA ARG B 570 31.43 6.76 -15.60
C ARG B 570 32.82 6.70 -15.01
N PHE B 571 33.07 7.78 -14.37
CA PHE B 571 34.35 7.88 -13.64
C PHE B 571 34.12 7.09 -12.40
N ALA B 572 33.25 7.54 -11.49
CA ALA B 572 32.80 6.78 -10.30
C ALA B 572 33.92 6.45 -9.32
N TRP B 573 34.89 5.71 -9.83
CA TRP B 573 36.00 5.16 -9.02
C TRP B 573 37.06 6.17 -8.68
N THR B 574 36.97 7.39 -9.14
CA THR B 574 37.94 8.42 -8.72
C THR B 574 37.60 8.93 -7.32
N ILE B 575 36.33 9.19 -7.05
CA ILE B 575 36.09 9.65 -5.67
C ILE B 575 36.37 8.53 -4.68
N GLN B 576 35.90 7.33 -4.97
CA GLN B 576 36.03 6.29 -3.93
C GLN B 576 37.47 5.96 -3.60
N ILE B 577 38.35 5.81 -4.58
CA ILE B 577 39.75 5.51 -4.15
C ILE B 577 40.29 6.73 -3.43
N SER B 578 39.98 7.92 -3.95
CA SER B 578 40.45 9.15 -3.29
C SER B 578 39.75 9.34 -1.94
N ILE B 579 38.44 8.81 -1.81
CA ILE B 579 37.94 9.04 -0.43
C ILE B 579 38.84 8.22 0.47
N THR B 580 39.48 7.19 -0.05
CA THR B 580 40.30 6.27 0.78
C THR B 580 41.77 6.64 0.68
N SER B 581 42.06 7.93 0.78
CA SER B 581 43.50 8.29 0.77
C SER B 581 44.13 7.73 2.04
N THR B 582 43.55 8.10 3.18
CA THR B 582 44.09 7.78 4.53
C THR B 582 43.10 6.88 5.28
N THR B 583 43.51 6.22 6.38
CA THR B 583 42.56 5.29 7.07
C THR B 583 41.58 6.10 7.92
N LEU B 584 40.56 6.64 7.25
CA LEU B 584 39.54 7.49 7.87
C LEU B 584 38.75 6.66 8.87
N LEU B 585 38.37 5.44 8.47
CA LEU B 585 37.67 4.52 9.41
C LEU B 585 37.78 3.08 8.90
N PRO B 586 37.53 2.08 9.76
CA PRO B 586 37.58 0.68 9.35
C PRO B 586 36.35 0.35 8.49
N HIS B 587 36.46 -0.68 7.64
CA HIS B 587 35.37 -1.01 6.68
C HIS B 587 35.07 0.25 5.87
N SER B 588 36.15 0.78 5.31
CA SER B 588 36.22 2.00 4.50
C SER B 588 35.96 1.55 3.09
N GLY B 589 36.58 0.45 2.74
CA GLY B 589 36.33 0.04 1.36
C GLY B 589 34.89 -0.34 1.18
N ASP B 590 34.32 -1.11 2.10
CA ASP B 590 32.96 -1.61 1.83
C ASP B 590 31.96 -0.48 1.73
N ILE B 591 32.00 0.49 2.62
CA ILE B 591 30.92 1.52 2.62
C ILE B 591 30.90 2.28 1.30
N ILE B 592 32.03 2.62 0.73
CA ILE B 592 31.89 3.30 -0.58
C ILE B 592 31.43 2.29 -1.61
N ALA B 593 31.88 1.05 -1.52
CA ALA B 593 31.55 0.05 -2.54
C ALA B 593 30.06 -0.15 -2.60
N THR B 594 29.37 -0.17 -1.47
CA THR B 594 27.93 -0.41 -1.59
C THR B 594 27.16 0.90 -1.74
N VAL B 595 27.80 2.06 -1.71
CA VAL B 595 26.96 3.28 -1.90
C VAL B 595 26.99 3.63 -3.36
N PHE B 596 27.94 3.12 -4.12
CA PHE B 596 27.99 3.44 -5.55
C PHE B 596 27.44 2.29 -6.38
N ALA B 597 27.07 1.20 -5.76
CA ALA B 597 26.55 0.12 -6.58
C ALA B 597 25.26 0.60 -7.15
N PRO B 598 24.40 1.18 -6.33
CA PRO B 598 23.14 1.69 -6.74
C PRO B 598 23.12 2.85 -7.72
N LEU B 599 24.22 3.55 -7.95
CA LEU B 599 24.25 4.65 -8.93
C LEU B 599 24.72 4.05 -10.22
N GLU B 600 25.70 3.17 -10.20
CA GLU B 600 26.09 2.43 -11.40
C GLU B 600 24.88 1.88 -12.13
N VAL B 601 23.93 1.28 -11.41
CA VAL B 601 22.74 0.75 -12.07
C VAL B 601 21.80 1.85 -12.55
N PHE B 602 21.92 3.07 -12.02
CA PHE B 602 21.18 4.22 -12.51
C PHE B 602 21.76 4.76 -13.80
N ARG B 603 23.10 4.72 -13.93
CA ARG B 603 23.70 5.11 -15.20
C ARG B 603 23.20 4.24 -16.34
N ARG B 604 23.00 2.95 -16.07
CA ARG B 604 22.44 2.08 -17.10
C ARG B 604 20.98 2.40 -17.39
N PHE B 605 20.22 2.85 -16.40
CA PHE B 605 18.86 3.32 -16.65
C PHE B 605 18.83 4.56 -17.52
N VAL B 606 19.82 5.43 -17.40
CA VAL B 606 19.90 6.59 -18.27
C VAL B 606 20.39 6.20 -19.66
N TRP B 607 21.31 5.24 -19.75
CA TRP B 607 21.90 4.87 -21.04
C TRP B 607 20.86 4.38 -22.04
N ASN B 608 19.85 3.65 -21.55
CA ASN B 608 18.88 3.04 -22.45
C ASN B 608 18.07 4.09 -23.20
N PHE B 609 17.65 5.15 -22.51
CA PHE B 609 16.78 6.16 -23.10
C PHE B 609 17.33 6.66 -24.42
N PHE B 610 18.65 6.75 -24.54
CA PHE B 610 19.25 7.26 -25.77
C PHE B 610 19.79 6.15 -26.65
N ARG B 611 20.21 5.02 -26.10
CA ARG B 611 20.61 3.92 -26.97
C ARG B 611 19.46 3.48 -27.85
N LEU B 612 18.30 3.19 -27.24
CA LEU B 612 17.16 2.73 -28.02
C LEU B 612 16.68 3.82 -28.97
N GLU B 613 16.71 5.08 -28.53
CA GLU B 613 16.27 6.17 -29.39
C GLU B 613 17.13 6.28 -30.63
N ASN B 614 18.46 6.27 -30.46
CA ASN B 614 19.33 6.31 -31.62
C ASN B 614 19.17 5.08 -32.49
N GLU B 615 18.91 3.92 -31.89
CA GLU B 615 18.62 2.73 -32.68
C GLU B 615 17.37 2.92 -33.53
N HIS B 616 16.40 3.67 -33.03
CA HIS B 616 15.14 3.83 -33.74
C HIS B 616 15.34 4.51 -35.09
N LEU B 617 16.05 5.64 -35.11
CA LEU B 617 16.14 6.46 -36.32
C LEU B 617 17.54 6.55 -36.89
N ASN B 618 18.45 5.65 -36.49
CA ASN B 618 19.76 5.65 -37.13
C ASN B 618 20.26 4.27 -37.52
N ASN B 619 19.76 3.19 -36.93
CA ASN B 619 20.25 1.83 -37.22
C ASN B 619 21.75 1.75 -36.99
N CYS B 620 22.22 2.36 -35.94
CA CYS B 620 23.65 2.43 -35.69
C CYS B 620 24.15 1.06 -35.29
N GLY B 621 23.31 0.04 -35.24
CA GLY B 621 23.87 -1.23 -34.78
C GLY B 621 24.04 -2.23 -35.89
N GLU B 622 23.29 -1.98 -36.97
CA GLU B 622 23.20 -2.81 -38.19
C GLU B 622 22.49 -4.12 -37.83
N PHE B 623 21.58 -4.12 -36.84
CA PHE B 623 20.87 -5.38 -36.64
C PHE B 623 19.86 -5.43 -37.74
N ARG B 624 19.08 -4.38 -37.83
CA ARG B 624 18.00 -4.40 -38.84
C ARG B 624 18.61 -4.44 -40.24
N ALA B 625 18.04 -5.27 -41.12
CA ALA B 625 18.50 -5.32 -42.52
C ALA B 625 17.49 -4.54 -43.39
N VAL B 626 17.94 -3.41 -43.90
CA VAL B 626 17.13 -2.45 -44.72
C VAL B 626 16.68 -3.14 -46.02
P 8PE C . -21.50 14.16 -5.17
N 8PE C . -23.61 17.52 -6.61
O11 8PE C . -22.47 13.44 -4.14
O12 8PE C . -20.31 14.66 -4.40
O13 8PE C . -22.22 15.48 -5.64
O14 8PE C . -21.32 13.49 -6.49
C11 8PE C . -21.80 16.04 -6.88
C12 8PE C . -23.08 16.48 -7.45
C1 8PE C . -22.61 12.02 -4.21
C2 8PE C . -22.24 11.35 -2.91
C3 8PE C . -21.99 12.35 -1.81
O31 8PE C . -21.10 11.79 -0.85
O32 8PE C . -19.64 13.36 -1.29
C31 8PE C . -19.97 12.42 -0.68
C32 8PE C . -19.16 11.85 0.36
C33 8PE C . -18.37 12.86 1.05
C34 8PE C . -18.10 12.46 2.46
C35 8PE C . -17.46 13.50 3.23
C36 8PE C . -16.31 13.00 3.95
C37 8PE C . -16.74 12.34 5.14
C38 8PE C . -16.70 13.23 6.26
C39 8PE C . -15.57 12.96 7.12
C3A 8PE C . -15.93 12.94 8.55
C3B 8PE C . -17.31 13.37 8.82
C3C 8PE C . -17.46 13.93 10.18
C3D 8PE C . -16.23 13.97 10.96
C3E 8PE C . -16.47 14.04 12.43
C3F 8PE C . -16.17 12.77 13.14
C3G 8PE C . -16.67 12.72 14.56
C3H 8PE C . -16.32 11.54 15.41
C3I 8PE C . -15.69 12.00 16.69
O21 8PE C . -23.46 10.63 -2.60
O22 8PE C . -23.26 8.39 -2.79
C21 8PE C . -23.47 9.37 -2.13
C22 8PE C . -23.92 9.25 -0.73
C23 8PE C . -22.83 9.13 0.22
C24 8PE C . -22.96 10.11 1.35
C25 8PE C . -21.99 9.84 2.39
C26 8PE C . -22.40 10.35 3.67
C27 8PE C . -21.27 10.44 4.60
C28 8PE C . -21.66 11.10 5.85
C29 8PE C . -21.00 10.58 7.04
C2A 8PE C . -21.11 11.53 8.17
C2B 8PE C . -22.38 11.38 8.92
C2C 8PE C . -22.15 10.87 10.29
C2D 8PE C . -21.22 11.73 11.08
C2E 8PE C . -21.74 12.05 12.45
C1 CLR D . -22.97 -8.77 -5.07
C2 CLR D . -22.88 -8.15 -6.46
C3 CLR D . -24.25 -7.81 -6.95
C4 CLR D . -24.73 -6.76 -5.99
C5 CLR D . -24.86 -7.36 -4.62
C6 CLR D . -26.05 -7.53 -4.10
C7 CLR D . -26.34 -8.19 -2.82
C8 CLR D . -25.12 -8.17 -1.94
C9 CLR D . -23.90 -8.66 -2.70
C10 CLR D . -23.60 -7.88 -4.01
C11 CLR D . -22.73 -8.71 -1.72
C12 CLR D . -22.99 -9.70 -0.57
C13 CLR D . -24.30 -9.41 0.17
C14 CLR D . -25.39 -9.19 -0.88
C15 CLR D . -26.56 -8.90 0.01
C16 CLR D . -26.42 -9.93 1.13
C17 CLR D . -24.99 -10.48 1.03
C18 CLR D . -24.11 -8.21 1.07
C19 CLR D . -22.63 -6.75 -3.77
C20 CLR D . -24.53 -10.57 2.46
C21 CLR D . -23.25 -11.38 2.54
C22 CLR D . -25.65 -11.26 3.23
C23 CLR D . -25.17 -12.22 4.18
C24 CLR D . -24.27 -11.61 5.17
C25 CLR D . -24.22 -12.33 6.47
C26 CLR D . -22.82 -12.30 7.05
C27 CLR D . -24.69 -13.75 6.27
O1 CLR D . -24.29 -7.34 -8.30
P 8PE E . 7.30 -10.19 -23.07
N 8PE E . 7.07 -12.89 -26.30
O11 8PE E . 8.79 -9.60 -23.09
O12 8PE E . 7.15 -10.98 -21.81
O13 8PE E . 7.22 -11.29 -24.21
O14 8PE E . 6.23 -9.26 -23.54
C11 8PE E . 5.93 -11.60 -24.70
C12 8PE E . 6.19 -11.76 -26.14
C1 8PE E . 8.97 -8.20 -22.93
C2 8PE E . 9.85 -7.87 -21.75
C3 8PE E . 10.45 -9.11 -21.14
O31 8PE E . 10.74 -8.89 -19.77
O32 8PE E . 9.34 -10.47 -19.22
C31 8PE E . 10.12 -9.66 -18.91
C32 8PE E . 10.52 -9.44 -17.56
C33 8PE E . 10.48 -10.65 -16.76
C34 8PE E . 11.48 -10.61 -15.65
C35 8PE E . 11.58 -11.85 -14.93
C36 8PE E . 11.51 -11.66 -13.50
C37 8PE E . 12.79 -11.23 -13.03
C38 8PE E . 13.54 -12.35 -12.56
C39 8PE E . 13.57 -12.40 -11.10
C3A 8PE E . 14.92 -12.66 -10.57
C3B 8PE E . 15.92 -12.98 -11.60
C3C 8PE E . 17.03 -13.81 -11.08
C3D 8PE E . 16.89 -14.15 -9.65
C3E 8PE E . 18.19 -14.52 -9.02
C3F 8PE E . 18.73 -13.48 -8.09
C3G 8PE E . 20.15 -13.70 -7.66
C3H 8PE E . 20.73 -12.78 -6.65
C3I 8PE E . 21.32 -13.57 -5.52
O21 8PE E . 10.91 -7.11 -22.38
O22 8PE E . 10.90 -4.93 -21.83
C21 8PE E . 11.42 -5.99 -21.83
C22 8PE E . 12.82 -6.14 -21.37
C23 8PE E . 12.92 -6.37 -19.93
C24 8PE E . 13.79 -7.54 -19.60
C25 8PE E . 14.07 -7.62 -18.18
C26 8PE E . 15.27 -8.36 -17.88
C27 8PE E . 15.31 -8.77 -16.49
C28 8PE E . 16.45 -9.64 -16.24
C29 8PE E . 17.06 -9.47 -14.90
C2A 8PE E . 17.91 -10.63 -14.57
C2B 8PE E . 19.27 -10.51 -15.10
C2C 8PE E . 20.28 -10.34 -14.03
C2D 8PE E . 20.24 -11.45 -13.03
C2E 8PE E . 21.61 -12.01 -12.72
C1 CLR F . 10.82 12.17 -19.10
C2 CLR F . 9.60 11.87 -19.97
C3 CLR F . 10.00 11.80 -21.42
C4 CLR F . 10.93 10.62 -21.47
C5 CLR F . 12.16 10.92 -20.66
C6 CLR F . 13.31 11.11 -21.27
C7 CLR F . 14.57 11.50 -20.62
C8 CLR F . 14.52 11.15 -19.16
C9 CLR F . 13.24 11.65 -18.52
C10 CLR F . 11.95 11.15 -19.20
C11 CLR F . 13.32 11.35 -17.02
C12 CLR F . 14.49 12.08 -16.35
C13 CLR F . 15.82 11.78 -17.02
C14 CLR F . 15.64 11.92 -18.53
C15 CLR F . 17.02 11.57 -19.02
C16 CLR F . 17.93 12.32 -18.04
C17 CLR F . 17.04 12.70 -16.84
C18 CLR F . 16.30 10.41 -16.62
C19 CLR F . 11.42 9.89 -18.55
C20 CLR F . 17.91 12.43 -15.64
C21 CLR F . 17.29 13.05 -14.41
C22 CLR F . 19.26 13.05 -15.93
C23 CLR F . 19.84 13.72 -14.80
C24 CLR F . 20.01 12.81 -13.66
C25 CLR F . 21.08 13.21 -12.71
C26 CLR F . 20.70 12.91 -11.28
C27 CLR F . 21.38 14.68 -12.89
O1 CLR F . 8.90 11.65 -22.32
#